data_5LBQ
#
_entry.id   5LBQ
#
_cell.length_a   120.130
_cell.length_b   179.590
_cell.length_c   234.180
_cell.angle_alpha   90.00
_cell.angle_beta   90.00
_cell.angle_gamma   90.00
#
_symmetry.space_group_name_H-M   'I 2 2 2'
#
loop_
_entity.id
_entity.type
_entity.pdbx_description
1 polymer 'Lysine-specific histone demethylase 1A'
2 polymer 'REST corepressor 1'
3 non-polymer 'FLAVIN-ADENINE DINUCLEOTIDE'
4 non-polymer N2-(3-(dimethylamino)propyl)-6,7-dimethoxy-N4,N4-dimethylquinazoline-2,4-diamine
#
loop_
_entity_poly.entity_id
_entity_poly.type
_entity_poly.pdbx_seq_one_letter_code
_entity_poly.pdbx_strand_id
1 'polypeptide(L)'
;MDESLANLSEDEYYSEEERNAKAEKEKKLPPPPPQAPPEEENESEPEEPSGVEGAAFQSRLPHDRMTSQEAACFPDIISG
PQQTQKVFLFIRNRTLQLWLDNPKIQLTFEATLQQLEAPYNSDTVLVHRVHSYLERHGLINFGIYKRIKPLPTKKTGKVI
IIGSGVSGLAAARQLQSFGMDVTLLEARDRVGGRVATFRKGNYVADLGAMVVTGLGGNPMAVVSKQVNMELAKIKQKCPL
YEANGQAVPKEKDEMVEQEFNRLLEATSYLSHQLDFNVLNNKPVSLGQALEVVIQLQEKHVKDEQIEHWKKIVKTQEELK
ELLNKMVNLKEKIKELHQQYKEASEVKPPRDITAEFLVKSKHRDLTALCKEYDELAETQGKLEEKLQELEANPPSDVYLS
SRDRQILDWHFANLEFANATPLSTLSLKHWDQDDDFEFTGSHLTVRNGYSCVPVALAEGLDIKLNTAVRQVRYTASGCEV
IAVNTRSTSQTFIYKCDAVLCTLPLGVLKQQPPAVQFVPPLPEWKTSAVQRMGFGNLNKVVLCFDRVFWDPSVNLFGHVG
STTASRGELFLFWNLYKAPILLALVAGEAAGIMENISDDVIVGRCLAILKGIFGSSAVPQPKETVVSRWRADPWARGSYS
YVAAGSSGNDYDLMAQPITPGPSIPGAPQPIPRLFFAGEHTIRNYPATVHGALLSGLREAGRIADQFLGAMYTLPRQATP
GVPAQQSPSM
;
A
2 'polypeptide(L)'
;RAKRKPPKGMFLSQEDVEAVSANATAATTVLRQLDMELVSVKRQIQNIKQTNSALKEKLDGGIEPYRLPEVIQKCNARWT
TEEQLLAVQAIRKYGRDFQAISDVIGNKSVVQVKNFFVNYRRRFNIDEVLQEWEAEHGKEETNGPSNQKPVKSPDNSIKM
PEEEDEAPVLDVRYASAS
;
B
#
loop_
_chem_comp.id
_chem_comp.type
_chem_comp.name
_chem_comp.formula
767 non-polymer N2-(3-(dimethylamino)propyl)-6,7-dimethoxy-N4,N4-dimethylquinazoline-2,4-diamine 'C17 H27 N5 O2'
FAD non-polymer 'FLAVIN-ADENINE DINUCLEOTIDE' 'C27 H33 N9 O15 P2'
#
# COMPACT_ATOMS: atom_id res chain seq x y z
N PRO A 49 -22.35 14.19 -8.74
CA PRO A 49 -23.18 15.32 -9.18
C PRO A 49 -24.75 15.06 -9.37
N SER A 50 -25.48 16.08 -9.86
CA SER A 50 -26.94 15.99 -10.24
C SER A 50 -27.36 17.02 -11.33
N GLY A 51 -28.47 16.72 -12.00
CA GLY A 51 -28.91 17.49 -13.19
C GLY A 51 -28.27 16.93 -14.44
N VAL A 52 -27.92 17.81 -15.39
CA VAL A 52 -27.27 17.34 -16.61
C VAL A 52 -25.84 16.94 -16.30
N GLU A 53 -25.13 17.71 -15.47
CA GLU A 53 -23.76 17.32 -15.03
C GLU A 53 -23.75 15.87 -14.52
N GLY A 54 -24.89 15.45 -13.95
CA GLY A 54 -25.11 14.11 -13.39
C GLY A 54 -25.11 12.99 -14.39
N ALA A 55 -25.77 13.23 -15.52
CA ALA A 55 -25.62 12.40 -16.71
C ALA A 55 -24.15 12.30 -17.21
N ALA A 56 -23.48 13.44 -17.40
CA ALA A 56 -22.08 13.46 -17.88
C ALA A 56 -21.13 12.66 -16.99
N PHE A 57 -21.25 12.84 -15.69
CA PHE A 57 -20.50 12.05 -14.74
C PHE A 57 -20.92 10.58 -14.87
N GLN A 58 -22.23 10.32 -14.78
CA GLN A 58 -22.79 8.97 -14.87
C GLN A 58 -22.43 8.29 -16.20
N SER A 59 -22.02 9.06 -17.22
CA SER A 59 -21.47 8.51 -18.47
C SER A 59 -19.95 8.66 -18.61
N ARG A 60 -19.23 8.75 -17.49
CA ARG A 60 -17.79 8.84 -17.51
C ARG A 60 -17.26 9.95 -18.40
N LEU A 61 -17.92 11.10 -18.37
CA LEU A 61 -17.57 12.25 -19.21
C LEU A 61 -17.52 13.53 -18.41
N PRO A 62 -16.49 14.38 -18.63
CA PRO A 62 -16.48 15.70 -17.99
C PRO A 62 -17.60 16.58 -18.51
N HIS A 63 -18.52 16.97 -17.62
CA HIS A 63 -19.68 17.84 -17.95
C HIS A 63 -19.34 19.17 -18.64
N ASP A 64 -18.13 19.69 -18.41
CA ASP A 64 -17.75 21.05 -18.77
C ASP A 64 -16.63 21.17 -19.82
N ARG A 65 -16.15 20.05 -20.38
CA ARG A 65 -15.08 20.06 -21.41
C ARG A 65 -15.37 19.03 -22.49
N MET A 66 -14.80 19.27 -23.67
CA MET A 66 -15.02 18.35 -24.76
C MET A 66 -13.88 17.35 -24.68
N THR A 67 -14.20 16.06 -24.89
CA THR A 67 -13.22 14.92 -24.82
C THR A 67 -12.33 14.90 -26.04
N SER A 68 -11.24 14.15 -26.00
CA SER A 68 -10.41 13.94 -27.18
C SER A 68 -11.19 13.37 -28.37
N GLN A 69 -12.09 12.44 -28.05
CA GLN A 69 -13.02 11.86 -29.01
C GLN A 69 -13.89 12.89 -29.72
N GLU A 70 -14.53 13.74 -28.93
CA GLU A 70 -15.48 14.67 -29.46
C GLU A 70 -14.74 15.66 -30.33
N ALA A 71 -13.53 16.03 -29.94
CA ALA A 71 -12.71 16.88 -30.79
C ALA A 71 -12.49 16.34 -32.19
N ALA A 72 -12.23 15.05 -32.24
CA ALA A 72 -12.07 14.37 -33.50
C ALA A 72 -13.34 14.46 -34.37
N CYS A 73 -14.51 14.22 -33.79
CA CYS A 73 -15.75 14.29 -34.57
C CYS A 73 -16.36 15.67 -34.69
N PHE A 74 -15.89 16.67 -33.95
CA PHE A 74 -16.52 17.98 -34.01
C PHE A 74 -15.44 19.04 -34.04
N PRO A 75 -14.44 18.86 -34.90
CA PRO A 75 -13.31 19.78 -34.82
C PRO A 75 -13.62 21.22 -35.24
N ASP A 76 -14.74 21.41 -35.96
CA ASP A 76 -15.30 22.74 -36.16
C ASP A 76 -15.54 23.38 -34.79
N ILE A 77 -16.24 22.69 -33.92
CA ILE A 77 -16.75 23.27 -32.67
C ILE A 77 -15.68 23.59 -31.65
N ILE A 78 -14.92 22.55 -31.32
CA ILE A 78 -13.85 22.66 -30.39
C ILE A 78 -12.73 23.60 -30.85
N SER A 79 -12.63 23.94 -32.15
CA SER A 79 -11.67 24.99 -32.56
C SER A 79 -12.37 26.35 -32.66
N GLY A 80 -13.64 26.38 -32.28
CA GLY A 80 -14.52 27.47 -32.59
C GLY A 80 -14.64 28.35 -31.40
N PRO A 81 -15.71 29.16 -31.35
CA PRO A 81 -15.94 29.99 -30.18
C PRO A 81 -16.46 29.21 -28.96
N GLN A 82 -16.01 29.62 -27.77
CA GLN A 82 -16.48 29.08 -26.49
C GLN A 82 -18.00 28.94 -26.38
N GLN A 83 -18.70 29.97 -26.80
CA GLN A 83 -20.14 30.02 -26.64
C GLN A 83 -20.80 28.79 -27.25
N THR A 84 -20.42 28.46 -28.49
CA THR A 84 -20.96 27.28 -29.22
C THR A 84 -20.53 25.94 -28.57
N GLN A 85 -19.32 25.89 -27.99
CA GLN A 85 -18.83 24.70 -27.24
C GLN A 85 -19.78 24.36 -26.11
N LYS A 86 -20.26 25.39 -25.41
CA LYS A 86 -21.14 25.18 -24.27
C LYS A 86 -22.55 24.74 -24.70
N VAL A 87 -22.91 25.12 -25.93
CA VAL A 87 -24.19 24.70 -26.51
C VAL A 87 -24.07 23.21 -26.74
N PHE A 88 -23.02 22.85 -27.48
CA PHE A 88 -22.72 21.47 -27.77
C PHE A 88 -22.72 20.62 -26.50
N LEU A 89 -21.91 21.06 -25.54
CA LEU A 89 -21.74 20.37 -24.27
C LEU A 89 -23.08 20.19 -23.58
N PHE A 90 -23.91 21.24 -23.58
CA PHE A 90 -25.23 21.10 -22.95
C PHE A 90 -26.01 20.03 -23.70
N ILE A 91 -25.90 20.02 -25.03
CA ILE A 91 -26.74 19.14 -25.84
C ILE A 91 -26.37 17.71 -25.51
N ARG A 92 -25.06 17.46 -25.55
CA ARG A 92 -24.50 16.16 -25.21
C ARG A 92 -25.01 15.71 -23.86
N ASN A 93 -24.76 16.55 -22.85
CA ASN A 93 -25.14 16.23 -21.47
C ASN A 93 -26.64 15.99 -21.38
N ARG A 94 -27.40 16.86 -22.01
CA ARG A 94 -28.85 16.80 -21.96
C ARG A 94 -29.40 15.51 -22.59
N THR A 95 -28.83 15.14 -23.72
CA THR A 95 -29.29 13.94 -24.41
C THR A 95 -28.96 12.70 -23.57
N LEU A 96 -27.74 12.72 -23.01
CA LEU A 96 -27.31 11.66 -22.12
C LEU A 96 -28.32 11.49 -21.03
N GLN A 97 -28.65 12.61 -20.39
CA GLN A 97 -29.64 12.63 -19.33
C GLN A 97 -30.88 11.90 -19.74
N LEU A 98 -31.40 12.24 -20.92
CA LEU A 98 -32.66 11.65 -21.35
C LEU A 98 -32.61 10.14 -21.41
N TRP A 99 -31.56 9.65 -22.07
CA TRP A 99 -31.33 8.21 -22.20
C TRP A 99 -31.30 7.55 -20.83
N LEU A 100 -30.51 8.15 -19.96
CA LEU A 100 -30.29 7.61 -18.64
C LEU A 100 -31.58 7.57 -17.85
N ASP A 101 -32.35 8.66 -17.88
CA ASP A 101 -33.62 8.75 -17.15
C ASP A 101 -34.60 7.65 -17.54
N ASN A 102 -34.52 7.18 -18.78
CA ASN A 102 -35.25 5.98 -19.16
C ASN A 102 -34.48 5.18 -20.18
N PRO A 103 -33.67 4.24 -19.69
CA PRO A 103 -32.86 3.40 -20.53
C PRO A 103 -33.55 2.08 -20.89
N LYS A 104 -34.85 1.98 -20.69
CA LYS A 104 -35.55 0.79 -21.16
C LYS A 104 -36.09 0.96 -22.59
N ILE A 105 -36.03 2.18 -23.16
CA ILE A 105 -36.58 2.45 -24.52
C ILE A 105 -35.67 3.33 -25.37
N GLN A 106 -35.57 3.01 -26.66
CA GLN A 106 -34.67 3.72 -27.56
C GLN A 106 -34.97 5.21 -27.50
N LEU A 107 -33.92 6.01 -27.57
CA LEU A 107 -34.06 7.44 -27.65
C LEU A 107 -33.77 7.92 -29.08
N THR A 108 -34.85 8.33 -29.74
CA THR A 108 -34.84 8.74 -31.13
C THR A 108 -34.31 10.17 -31.21
N PHE A 109 -33.78 10.53 -32.37
CA PHE A 109 -33.39 11.91 -32.61
C PHE A 109 -34.57 12.90 -32.53
N GLU A 110 -35.75 12.44 -32.94
CA GLU A 110 -36.99 13.23 -32.87
C GLU A 110 -37.40 13.51 -31.43
N ALA A 111 -37.53 12.45 -30.63
CA ALA A 111 -37.84 12.57 -29.21
C ALA A 111 -36.78 13.41 -28.47
N THR A 112 -35.54 13.39 -28.93
CA THR A 112 -34.47 14.22 -28.33
C THR A 112 -34.65 15.71 -28.60
N LEU A 113 -34.83 16.03 -29.89
CA LEU A 113 -35.04 17.41 -30.31
C LEU A 113 -36.29 17.97 -29.66
N GLN A 114 -37.35 17.16 -29.62
CA GLN A 114 -38.60 17.56 -29.00
C GLN A 114 -38.46 18.05 -27.56
N GLN A 115 -37.59 17.40 -26.78
CA GLN A 115 -37.37 17.81 -25.38
C GLN A 115 -36.51 19.04 -25.25
N LEU A 116 -35.63 19.32 -26.19
CA LEU A 116 -34.82 20.54 -26.11
C LEU A 116 -35.62 21.87 -26.30
N GLU A 117 -35.06 22.94 -25.75
CA GLU A 117 -35.61 24.31 -25.73
C GLU A 117 -34.58 25.21 -26.45
N ALA A 118 -34.97 26.39 -26.93
CA ALA A 118 -34.00 27.29 -27.62
C ALA A 118 -33.11 27.95 -26.56
N PRO A 119 -31.89 28.45 -26.87
CA PRO A 119 -31.19 28.34 -28.18
C PRO A 119 -30.88 26.91 -28.69
N TYR A 120 -30.89 25.95 -27.78
CA TYR A 120 -30.27 24.66 -27.96
C TYR A 120 -30.98 23.84 -29.02
N ASN A 121 -32.29 24.02 -29.18
CA ASN A 121 -33.06 23.36 -30.27
C ASN A 121 -33.24 24.18 -31.55
N SER A 122 -32.38 25.17 -31.75
CA SER A 122 -32.34 25.93 -32.99
C SER A 122 -31.55 25.13 -34.05
N ASP A 123 -30.22 25.04 -33.88
CA ASP A 123 -29.33 24.37 -34.84
C ASP A 123 -29.58 22.87 -34.76
N THR A 124 -30.46 22.35 -35.63
CA THR A 124 -30.87 20.94 -35.55
C THR A 124 -29.91 19.99 -36.31
N VAL A 125 -29.00 20.55 -37.10
CA VAL A 125 -27.85 19.77 -37.55
C VAL A 125 -26.96 19.41 -36.33
N LEU A 126 -26.60 20.41 -35.53
CA LEU A 126 -25.82 20.15 -34.35
C LEU A 126 -26.45 19.06 -33.47
N VAL A 127 -27.74 19.19 -33.12
CA VAL A 127 -28.46 18.18 -32.33
C VAL A 127 -28.37 16.82 -32.98
N HIS A 128 -28.57 16.77 -34.30
CA HIS A 128 -28.48 15.51 -35.01
C HIS A 128 -27.07 14.91 -34.90
N ARG A 129 -26.04 15.71 -35.20
CA ARG A 129 -24.63 15.25 -35.10
C ARG A 129 -24.31 14.61 -33.74
N VAL A 130 -24.70 15.32 -32.68
CA VAL A 130 -24.55 14.84 -31.32
C VAL A 130 -25.26 13.50 -31.11
N HIS A 131 -26.59 13.48 -31.25
CA HIS A 131 -27.36 12.26 -31.06
C HIS A 131 -26.79 11.08 -31.81
N SER A 132 -26.26 11.30 -33.02
CA SER A 132 -25.70 10.20 -33.80
C SER A 132 -24.41 9.70 -33.21
N TYR A 133 -23.52 10.63 -32.86
CA TYR A 133 -22.24 10.32 -32.19
C TYR A 133 -22.43 9.50 -30.91
N LEU A 134 -23.40 9.91 -30.12
CA LEU A 134 -23.72 9.21 -28.89
C LEU A 134 -24.26 7.84 -29.15
N GLU A 135 -25.11 7.73 -30.18
CA GLU A 135 -25.68 6.44 -30.54
C GLU A 135 -24.55 5.49 -30.93
N ARG A 136 -23.62 6.04 -31.70
CA ARG A 136 -22.60 5.28 -32.36
C ARG A 136 -21.66 4.70 -31.34
N HIS A 137 -21.17 5.56 -30.46
CA HIS A 137 -20.22 5.10 -29.45
C HIS A 137 -20.83 4.61 -28.15
N GLY A 138 -22.06 4.13 -28.22
CA GLY A 138 -22.65 3.38 -27.12
C GLY A 138 -22.83 4.14 -25.81
N LEU A 139 -23.01 5.45 -25.90
CA LEU A 139 -23.34 6.26 -24.73
C LEU A 139 -24.82 6.28 -24.51
N ILE A 140 -25.59 5.97 -25.55
CA ILE A 140 -27.05 5.87 -25.48
C ILE A 140 -27.50 4.73 -26.35
N ASN A 141 -28.74 4.29 -26.14
CA ASN A 141 -29.28 3.17 -26.91
C ASN A 141 -28.29 1.97 -27.02
N PHE A 142 -27.76 1.57 -25.85
CA PHE A 142 -26.91 0.37 -25.66
C PHE A 142 -27.49 -0.53 -24.58
N GLY A 143 -27.30 -1.83 -24.73
CA GLY A 143 -27.81 -2.82 -23.79
C GLY A 143 -29.08 -3.44 -24.34
N ILE A 144 -30.12 -3.48 -23.52
CA ILE A 144 -31.42 -4.05 -23.90
C ILE A 144 -32.57 -3.06 -23.78
N TYR A 145 -33.10 -2.63 -24.93
CA TYR A 145 -34.14 -1.61 -24.99
C TYR A 145 -35.16 -1.93 -26.07
N LYS A 146 -36.39 -1.51 -25.82
CA LYS A 146 -37.47 -1.50 -26.82
C LYS A 146 -37.12 -0.54 -27.94
N ARG A 147 -36.84 -1.10 -29.10
CA ARG A 147 -36.53 -0.32 -30.27
C ARG A 147 -37.83 0.36 -30.71
N ILE A 148 -37.76 1.63 -31.10
CA ILE A 148 -38.91 2.32 -31.69
C ILE A 148 -38.94 2.03 -33.21
N LYS A 149 -37.88 2.40 -33.94
CA LYS A 149 -37.78 2.12 -35.38
C LYS A 149 -37.38 0.66 -35.61
N PRO A 150 -38.32 -0.23 -36.06
CA PRO A 150 -37.82 -1.59 -36.29
C PRO A 150 -36.60 -1.65 -37.23
N LEU A 151 -35.82 -2.71 -37.09
CA LEU A 151 -34.46 -2.80 -37.63
C LEU A 151 -34.48 -2.74 -39.15
N PRO A 152 -33.43 -2.16 -39.78
CA PRO A 152 -33.42 -2.14 -41.24
C PRO A 152 -33.67 -3.51 -41.87
N THR A 153 -34.60 -3.53 -42.81
CA THR A 153 -34.96 -4.73 -43.55
C THR A 153 -33.69 -5.48 -44.04
N LYS A 154 -32.76 -4.72 -44.62
CA LYS A 154 -31.55 -5.25 -45.23
C LYS A 154 -30.31 -4.86 -44.47
N LYS A 155 -29.44 -5.84 -44.27
CA LYS A 155 -28.20 -5.63 -43.56
C LYS A 155 -27.04 -5.30 -44.50
N THR A 156 -26.04 -4.64 -43.94
CA THR A 156 -24.91 -4.14 -44.68
C THR A 156 -23.61 -4.54 -43.98
N GLY A 157 -22.63 -5.07 -44.73
CA GLY A 157 -21.39 -5.55 -44.12
C GLY A 157 -21.57 -6.82 -43.30
N LYS A 158 -20.48 -7.55 -43.09
CA LYS A 158 -20.51 -8.79 -42.34
C LYS A 158 -19.35 -8.87 -41.39
N VAL A 159 -19.68 -9.16 -40.13
CA VAL A 159 -18.73 -9.18 -39.03
C VAL A 159 -18.86 -10.45 -38.24
N ILE A 160 -17.71 -11.13 -38.13
CA ILE A 160 -17.57 -12.31 -37.30
C ILE A 160 -16.86 -11.93 -36.05
N ILE A 161 -17.54 -12.23 -34.92
CA ILE A 161 -17.10 -11.93 -33.57
C ILE A 161 -16.68 -13.21 -32.88
N ILE A 162 -15.42 -13.26 -32.50
CA ILE A 162 -14.87 -14.38 -31.78
C ILE A 162 -15.12 -14.22 -30.28
N GLY A 163 -16.08 -15.00 -29.78
CA GLY A 163 -16.29 -15.20 -28.36
C GLY A 163 -17.50 -14.40 -27.96
N SER A 164 -18.43 -15.01 -27.22
CA SER A 164 -19.60 -14.30 -26.70
C SER A 164 -19.37 -13.95 -25.23
N GLY A 165 -18.15 -13.47 -24.97
CA GLY A 165 -17.84 -12.78 -23.73
C GLY A 165 -18.69 -11.56 -23.60
N VAL A 166 -18.60 -10.88 -22.47
CA VAL A 166 -19.46 -9.73 -22.37
C VAL A 166 -19.04 -8.75 -23.44
N SER A 167 -17.74 -8.67 -23.75
CA SER A 167 -17.28 -7.73 -24.77
C SER A 167 -17.93 -8.14 -26.06
N GLY A 168 -17.70 -9.39 -26.45
CA GLY A 168 -18.35 -9.93 -27.64
C GLY A 168 -19.82 -9.52 -27.72
N LEU A 169 -20.60 -10.00 -26.77
CA LEU A 169 -22.04 -9.79 -26.82
C LEU A 169 -22.38 -8.31 -26.91
N ALA A 170 -21.62 -7.47 -26.24
CA ALA A 170 -21.90 -6.06 -26.28
C ALA A 170 -21.78 -5.48 -27.66
N ALA A 171 -20.62 -5.72 -28.28
CA ALA A 171 -20.34 -5.33 -29.67
C ALA A 171 -21.42 -5.83 -30.61
N ALA A 172 -21.59 -7.15 -30.65
CA ALA A 172 -22.62 -7.74 -31.45
C ALA A 172 -23.92 -6.97 -31.38
N ARG A 173 -24.49 -6.83 -30.19
CA ARG A 173 -25.75 -6.08 -30.07
C ARG A 173 -25.73 -4.72 -30.73
N GLN A 174 -24.59 -4.03 -30.63
CA GLN A 174 -24.42 -2.70 -31.19
C GLN A 174 -24.45 -2.73 -32.71
N LEU A 175 -23.61 -3.60 -33.29
CA LEU A 175 -23.47 -3.74 -34.75
C LEU A 175 -24.80 -4.15 -35.37
N GLN A 176 -25.41 -5.21 -34.88
CA GLN A 176 -26.76 -5.56 -35.30
C GLN A 176 -27.79 -4.43 -35.02
N SER A 177 -27.63 -3.70 -33.93
CA SER A 177 -28.38 -2.46 -33.74
C SER A 177 -28.09 -1.48 -34.90
N PHE A 178 -26.84 -1.42 -35.35
CA PHE A 178 -26.44 -0.57 -36.47
C PHE A 178 -26.90 -1.14 -37.80
N GLY A 179 -27.39 -2.38 -37.77
CA GLY A 179 -27.88 -3.06 -38.96
C GLY A 179 -26.89 -3.95 -39.68
N MET A 180 -25.66 -4.03 -39.20
CA MET A 180 -24.66 -4.90 -39.82
C MET A 180 -24.97 -6.35 -39.49
N ASP A 181 -24.50 -7.28 -40.32
CA ASP A 181 -24.70 -8.69 -40.06
C ASP A 181 -23.64 -9.15 -39.08
N VAL A 182 -24.04 -9.86 -38.02
CA VAL A 182 -23.10 -10.29 -37.02
C VAL A 182 -23.30 -11.75 -36.70
N THR A 183 -22.19 -12.48 -36.61
CA THR A 183 -22.19 -13.82 -36.04
C THR A 183 -21.03 -14.04 -35.06
N LEU A 184 -21.39 -14.64 -33.92
CA LEU A 184 -20.48 -14.85 -32.83
C LEU A 184 -20.09 -16.31 -32.75
N LEU A 185 -18.83 -16.53 -32.43
CA LEU A 185 -18.25 -17.86 -32.38
C LEU A 185 -17.70 -18.19 -31.01
N GLU A 186 -18.38 -19.10 -30.30
CA GLU A 186 -18.09 -19.36 -28.90
C GLU A 186 -17.69 -20.80 -28.69
N ALA A 187 -16.45 -21.02 -28.28
CA ALA A 187 -15.97 -22.39 -28.01
C ALA A 187 -16.79 -23.08 -26.91
N ARG A 188 -17.12 -22.31 -25.88
CA ARG A 188 -17.91 -22.80 -24.76
C ARG A 188 -19.35 -23.05 -25.19
N ASP A 189 -20.02 -23.94 -24.48
CA ASP A 189 -21.42 -24.26 -24.77
C ASP A 189 -22.39 -23.16 -24.35
N ARG A 190 -21.91 -22.19 -23.58
CA ARG A 190 -22.76 -21.11 -23.10
C ARG A 190 -22.11 -19.72 -23.22
N VAL A 191 -22.94 -18.70 -23.37
CA VAL A 191 -22.45 -17.34 -23.39
C VAL A 191 -21.93 -16.89 -22.03
N GLY A 192 -21.07 -15.87 -21.98
CA GLY A 192 -20.74 -15.18 -20.71
C GLY A 192 -19.25 -15.15 -20.51
N GLY A 193 -18.64 -16.26 -20.91
CA GLY A 193 -17.22 -16.42 -20.78
C GLY A 193 -16.90 -16.39 -19.30
N ARG A 194 -16.03 -15.46 -18.93
CA ARG A 194 -15.63 -15.32 -17.56
C ARG A 194 -16.78 -14.90 -16.66
N VAL A 195 -17.96 -14.60 -17.18
CA VAL A 195 -19.14 -14.51 -16.33
C VAL A 195 -19.86 -15.85 -16.26
N ALA A 196 -19.37 -16.69 -15.36
CA ALA A 196 -19.92 -18.00 -15.11
C ALA A 196 -20.71 -17.95 -13.84
N THR A 197 -21.83 -18.67 -13.87
CA THR A 197 -22.73 -18.77 -12.73
C THR A 197 -23.09 -20.23 -12.51
N PHE A 198 -22.76 -20.74 -11.33
CA PHE A 198 -23.19 -22.07 -10.90
C PHE A 198 -24.66 -22.04 -10.42
N ARG A 199 -25.47 -23.00 -10.90
CA ARG A 199 -26.86 -23.20 -10.47
C ARG A 199 -27.10 -24.68 -10.29
N LYS A 200 -27.76 -25.01 -9.19
CA LYS A 200 -28.27 -26.34 -8.89
C LYS A 200 -29.31 -26.13 -7.80
N GLY A 201 -30.52 -26.68 -8.00
CA GLY A 201 -31.60 -26.44 -7.06
C GLY A 201 -31.90 -24.95 -6.89
N ASN A 202 -31.79 -24.45 -5.65
CA ASN A 202 -31.84 -23.00 -5.34
C ASN A 202 -30.49 -22.41 -5.01
N TYR A 203 -29.47 -23.25 -4.99
CA TYR A 203 -28.11 -22.77 -4.87
C TYR A 203 -27.74 -22.06 -6.18
N VAL A 204 -27.23 -20.85 -6.04
CA VAL A 204 -26.80 -20.01 -7.15
C VAL A 204 -25.51 -19.38 -6.70
N ALA A 205 -24.45 -19.45 -7.51
CA ALA A 205 -23.16 -18.84 -7.11
C ALA A 205 -22.18 -18.59 -8.26
N ASP A 206 -21.71 -17.36 -8.41
CA ASP A 206 -20.72 -17.07 -9.45
C ASP A 206 -19.33 -17.60 -9.12
N LEU A 207 -18.79 -18.33 -10.08
CA LEU A 207 -17.41 -18.75 -10.07
C LEU A 207 -16.57 -17.82 -10.90
N GLY A 208 -17.25 -16.88 -11.56
CA GLY A 208 -16.61 -15.86 -12.34
C GLY A 208 -16.90 -14.54 -11.69
N ALA A 209 -17.09 -13.49 -12.49
CA ALA A 209 -17.46 -12.22 -11.91
C ALA A 209 -18.65 -12.37 -11.00
N MET A 210 -18.58 -11.63 -9.88
CA MET A 210 -19.60 -11.60 -8.82
C MET A 210 -20.09 -10.23 -8.42
N VAL A 211 -19.23 -9.24 -8.60
CA VAL A 211 -19.36 -7.90 -8.04
C VAL A 211 -19.41 -6.75 -9.08
N VAL A 212 -20.32 -5.83 -8.79
CA VAL A 212 -20.41 -4.59 -9.52
C VAL A 212 -19.68 -3.61 -8.65
N THR A 213 -18.60 -3.04 -9.13
CA THR A 213 -17.76 -2.25 -8.25
C THR A 213 -18.23 -0.79 -8.19
N GLY A 214 -19.46 -0.55 -7.71
CA GLY A 214 -20.03 0.80 -7.55
C GLY A 214 -20.96 1.15 -8.70
N LEU A 215 -21.98 1.97 -8.48
CA LEU A 215 -22.85 2.37 -9.58
C LEU A 215 -22.56 3.78 -10.12
N GLY A 216 -21.56 4.46 -9.58
CA GLY A 216 -21.30 5.87 -9.89
C GLY A 216 -20.48 6.02 -11.16
N GLY A 217 -21.19 6.18 -12.27
CA GLY A 217 -20.58 6.19 -13.61
C GLY A 217 -20.27 4.80 -14.14
N ASN A 218 -21.04 3.82 -13.70
CA ASN A 218 -20.81 2.48 -14.11
C ASN A 218 -21.92 2.18 -15.06
N PRO A 219 -21.57 1.79 -16.28
CA PRO A 219 -22.59 1.45 -17.25
C PRO A 219 -23.53 0.33 -16.78
N MET A 220 -23.01 -0.59 -15.99
CA MET A 220 -23.85 -1.67 -15.50
C MET A 220 -25.03 -1.16 -14.68
N ALA A 221 -24.95 0.07 -14.19
CA ALA A 221 -26.12 0.81 -13.71
C ALA A 221 -27.28 0.77 -14.70
N VAL A 222 -26.99 1.19 -15.93
CA VAL A 222 -27.94 1.22 -17.03
C VAL A 222 -28.48 -0.18 -17.28
N VAL A 223 -27.55 -1.10 -17.45
CA VAL A 223 -27.91 -2.47 -17.72
C VAL A 223 -28.85 -2.99 -16.64
N SER A 224 -28.56 -2.66 -15.39
CA SER A 224 -29.34 -3.14 -14.25
C SER A 224 -30.76 -2.60 -14.20
N LYS A 225 -31.03 -1.45 -14.81
CA LYS A 225 -32.44 -1.02 -14.95
C LYS A 225 -33.12 -1.76 -16.12
N GLN A 226 -32.35 -2.20 -17.11
CA GLN A 226 -32.87 -2.98 -18.26
C GLN A 226 -33.09 -4.45 -17.92
N VAL A 227 -32.18 -5.02 -17.13
CA VAL A 227 -32.30 -6.38 -16.67
C VAL A 227 -32.52 -6.33 -15.19
N ASN A 228 -33.44 -7.11 -14.68
CA ASN A 228 -33.66 -7.10 -13.25
C ASN A 228 -32.63 -8.02 -12.63
N MET A 229 -31.68 -7.40 -11.94
CA MET A 229 -30.62 -8.10 -11.26
C MET A 229 -30.91 -7.80 -9.82
N GLU A 230 -30.85 -8.80 -8.97
CA GLU A 230 -31.14 -8.59 -7.56
C GLU A 230 -29.88 -8.02 -6.94
N LEU A 231 -29.60 -6.76 -7.23
CA LEU A 231 -28.43 -6.11 -6.67
C LEU A 231 -28.55 -5.94 -5.15
N ALA A 232 -27.46 -6.25 -4.45
CA ALA A 232 -27.42 -6.22 -2.98
C ALA A 232 -26.05 -5.85 -2.48
N LYS A 233 -26.01 -4.96 -1.50
CA LYS A 233 -24.76 -4.36 -1.12
C LYS A 233 -23.90 -5.36 -0.35
N ILE A 234 -22.66 -4.98 -0.17
CA ILE A 234 -21.71 -5.77 0.55
C ILE A 234 -21.32 -4.94 1.75
N LYS A 235 -21.58 -5.47 2.93
CA LYS A 235 -21.10 -4.86 4.17
C LYS A 235 -19.61 -5.20 4.25
N GLN A 236 -18.75 -4.19 4.24
CA GLN A 236 -17.32 -4.39 4.06
C GLN A 236 -16.58 -4.88 5.32
N LYS A 237 -17.29 -5.09 6.43
CA LYS A 237 -16.66 -5.57 7.63
C LYS A 237 -16.19 -7.01 7.44
N CYS A 238 -14.88 -7.21 7.64
CA CYS A 238 -14.25 -8.52 7.51
C CYS A 238 -13.44 -8.87 8.76
N PRO A 239 -14.07 -9.62 9.71
CA PRO A 239 -13.31 -10.13 10.88
C PRO A 239 -12.26 -11.19 10.53
N LEU A 240 -11.08 -11.12 11.11
CA LEU A 240 -10.04 -12.14 10.84
C LEU A 240 -10.07 -13.27 11.88
N TYR A 241 -9.41 -14.38 11.57
CA TYR A 241 -9.41 -15.54 12.46
C TYR A 241 -8.13 -16.23 12.22
N GLU A 242 -7.22 -16.10 13.18
CA GLU A 242 -5.85 -16.62 13.06
C GLU A 242 -5.83 -18.10 12.72
N ALA A 243 -4.60 -18.55 12.46
CA ALA A 243 -4.27 -19.95 12.30
C ALA A 243 -5.20 -20.87 13.15
N ASN A 244 -5.10 -20.74 14.46
CA ASN A 244 -5.80 -21.62 15.40
C ASN A 244 -7.35 -21.58 15.40
N GLY A 245 -7.95 -20.54 14.80
CA GLY A 245 -9.39 -20.32 14.89
C GLY A 245 -9.79 -19.25 15.89
N GLN A 246 -8.84 -18.44 16.35
CA GLN A 246 -9.11 -17.34 17.30
C GLN A 246 -9.25 -16.04 16.55
N ALA A 247 -10.40 -15.38 16.71
CA ALA A 247 -10.58 -14.04 16.15
C ALA A 247 -9.41 -13.15 16.53
N VAL A 248 -8.96 -12.35 15.59
CA VAL A 248 -7.86 -11.48 15.93
C VAL A 248 -8.46 -10.38 16.78
N PRO A 249 -7.77 -10.02 17.87
CA PRO A 249 -8.27 -8.95 18.74
C PRO A 249 -8.23 -7.60 18.04
N LYS A 250 -9.29 -6.81 18.21
CA LYS A 250 -9.43 -5.49 17.59
C LYS A 250 -8.18 -4.58 17.64
N GLU A 251 -7.52 -4.56 18.80
CA GLU A 251 -6.17 -4.00 18.96
C GLU A 251 -5.29 -4.21 17.74
N LYS A 252 -4.96 -5.49 17.53
CA LYS A 252 -4.05 -5.98 16.50
C LYS A 252 -4.63 -5.67 15.12
N ASP A 253 -5.87 -6.10 14.88
CA ASP A 253 -6.49 -5.97 13.57
C ASP A 253 -6.32 -4.57 13.03
N GLU A 254 -6.67 -3.59 13.84
CA GLU A 254 -6.50 -2.18 13.52
C GLU A 254 -5.03 -1.76 13.35
N MET A 255 -4.17 -2.20 14.24
CA MET A 255 -2.77 -1.88 14.14
C MET A 255 -2.15 -2.42 12.84
N VAL A 256 -2.50 -3.66 12.49
CA VAL A 256 -1.83 -4.34 11.38
C VAL A 256 -2.30 -3.70 10.10
N GLU A 257 -3.62 -3.57 9.97
CA GLU A 257 -4.25 -2.91 8.81
C GLU A 257 -3.64 -1.55 8.55
N GLN A 258 -3.61 -0.72 9.56
CA GLN A 258 -2.99 0.57 9.41
C GLN A 258 -1.56 0.43 8.89
N GLU A 259 -0.80 -0.54 9.38
CA GLU A 259 0.60 -0.69 9.00
C GLU A 259 0.70 -1.07 7.54
N PHE A 260 -0.20 -1.96 7.13
CA PHE A 260 -0.38 -2.31 5.74
C PHE A 260 -0.55 -1.03 4.90
N ASN A 261 -1.69 -0.35 5.08
CA ASN A 261 -2.00 0.89 4.34
C ASN A 261 -0.83 1.88 4.30
N ARG A 262 -0.08 1.93 5.40
CA ARG A 262 1.11 2.76 5.52
C ARG A 262 2.23 2.25 4.61
N LEU A 263 2.41 0.92 4.61
CA LEU A 263 3.40 0.29 3.75
C LEU A 263 3.15 0.50 2.25
N LEU A 264 1.90 0.37 1.83
CA LEU A 264 1.52 0.75 0.48
C LEU A 264 1.90 2.16 0.13
N GLU A 265 1.32 3.17 0.78
CA GLU A 265 1.77 4.56 0.57
C GLU A 265 3.31 4.58 0.46
N ALA A 266 3.99 3.83 1.33
CA ALA A 266 5.46 3.82 1.28
C ALA A 266 6.00 3.48 -0.10
N THR A 267 5.45 2.42 -0.68
CA THR A 267 5.89 1.97 -1.98
C THR A 267 5.69 3.09 -3.00
N SER A 268 4.45 3.56 -3.10
CA SER A 268 4.08 4.70 -3.94
C SER A 268 5.09 5.85 -3.79
N TYR A 269 5.50 6.13 -2.55
CA TYR A 269 6.55 7.12 -2.31
C TYR A 269 7.90 6.65 -2.91
N LEU A 270 8.28 5.38 -2.68
CA LEU A 270 9.52 4.88 -3.31
C LEU A 270 9.52 5.08 -4.80
N SER A 271 8.33 4.87 -5.38
CA SER A 271 8.14 4.92 -6.81
C SER A 271 8.33 6.33 -7.37
N HIS A 272 7.40 7.22 -7.02
CA HIS A 272 7.31 8.52 -7.65
C HIS A 272 8.38 9.45 -7.08
N GLN A 273 8.54 9.47 -5.76
CA GLN A 273 9.39 10.48 -5.10
C GLN A 273 10.87 10.14 -5.17
N LEU A 274 11.24 8.87 -5.05
CA LEU A 274 12.65 8.47 -5.16
C LEU A 274 13.09 7.83 -6.49
N ASP A 275 12.13 7.60 -7.40
CA ASP A 275 12.37 6.92 -8.69
C ASP A 275 13.10 5.57 -8.51
N PHE A 276 12.51 4.73 -7.65
CA PHE A 276 13.01 3.38 -7.41
C PHE A 276 12.24 2.40 -8.31
N ASN A 277 12.06 2.74 -9.57
CA ASN A 277 11.21 1.95 -10.42
C ASN A 277 11.98 0.93 -11.22
N VAL A 278 13.31 1.03 -11.24
CA VAL A 278 14.13 0.04 -11.96
C VAL A 278 15.31 -0.36 -11.09
N LEU A 279 15.40 -1.65 -10.74
CA LEU A 279 16.51 -2.17 -9.93
C LEU A 279 17.31 -3.16 -10.69
N ASN A 280 18.63 -3.00 -10.67
CA ASN A 280 19.47 -3.87 -11.43
C ASN A 280 19.09 -3.48 -12.89
N ASN A 281 18.94 -4.42 -13.83
CA ASN A 281 18.55 -4.07 -15.18
C ASN A 281 17.07 -4.28 -15.40
N LYS A 282 16.41 -4.88 -14.40
CA LYS A 282 15.01 -5.31 -14.48
C LYS A 282 14.10 -4.31 -13.79
N PRO A 283 12.80 -4.30 -14.11
CA PRO A 283 11.86 -3.45 -13.36
C PRO A 283 11.54 -4.00 -11.99
N VAL A 284 10.95 -3.14 -11.19
CA VAL A 284 10.76 -3.44 -9.81
C VAL A 284 9.30 -3.73 -9.66
N SER A 285 9.01 -4.81 -8.95
CA SER A 285 7.66 -5.17 -8.65
C SER A 285 7.21 -4.52 -7.36
N LEU A 286 5.89 -4.46 -7.19
CA LEU A 286 5.28 -4.07 -5.91
C LEU A 286 5.83 -4.88 -4.76
N GLY A 287 5.89 -6.19 -4.97
CA GLY A 287 6.53 -7.14 -4.05
C GLY A 287 7.92 -6.69 -3.61
N GLN A 288 8.89 -6.54 -4.51
CA GLN A 288 10.22 -6.10 -4.07
C GLN A 288 10.16 -4.78 -3.27
N ALA A 289 9.38 -3.81 -3.74
CA ALA A 289 9.31 -2.52 -3.06
C ALA A 289 8.88 -2.72 -1.63
N LEU A 290 7.75 -3.41 -1.42
CA LEU A 290 7.33 -3.78 -0.06
C LEU A 290 8.38 -4.47 0.81
N GLU A 291 9.15 -5.39 0.25
CA GLU A 291 10.26 -5.98 0.98
C GLU A 291 11.28 -4.90 1.34
N VAL A 292 11.68 -4.11 0.36
CA VAL A 292 12.70 -3.12 0.62
C VAL A 292 12.18 -2.17 1.68
N VAL A 293 10.94 -1.75 1.57
CA VAL A 293 10.36 -0.92 2.60
C VAL A 293 10.46 -1.56 3.98
N ILE A 294 10.08 -2.83 4.05
CA ILE A 294 10.00 -3.49 5.34
C ILE A 294 11.38 -3.76 5.92
N GLN A 295 12.31 -4.16 5.07
CA GLN A 295 13.72 -4.19 5.46
C GLN A 295 14.15 -2.86 6.10
N LEU A 296 13.80 -1.73 5.47
CA LEU A 296 14.16 -0.43 6.01
C LEU A 296 13.43 -0.10 7.29
N GLN A 297 12.27 -0.70 7.54
CA GLN A 297 11.60 -0.56 8.83
C GLN A 297 12.24 -1.33 9.96
N GLU A 298 12.57 -2.60 9.72
CA GLU A 298 13.36 -3.36 10.68
C GLU A 298 14.75 -2.73 10.93
N LYS A 299 15.39 -2.21 9.87
CA LYS A 299 16.64 -1.47 10.01
C LYS A 299 16.52 -0.29 10.96
N HIS A 300 15.54 0.56 10.73
CA HIS A 300 15.27 1.65 11.65
C HIS A 300 15.12 1.16 13.10
N VAL A 301 14.23 0.21 13.36
CA VAL A 301 14.04 -0.33 14.72
C VAL A 301 15.31 -0.72 15.48
N LYS A 302 16.25 -1.33 14.76
CA LYS A 302 17.57 -1.63 15.29
C LYS A 302 18.40 -0.35 15.46
N ASP A 303 18.42 0.53 14.46
CA ASP A 303 19.05 1.86 14.62
C ASP A 303 18.56 2.63 15.88
N GLU A 304 17.24 2.62 16.12
CA GLU A 304 16.65 3.18 17.36
C GLU A 304 17.31 2.56 18.55
N GLN A 305 17.20 1.24 18.63
CA GLN A 305 17.78 0.48 19.75
C GLN A 305 19.24 0.81 19.95
N ILE A 306 20.01 0.75 18.88
CA ILE A 306 21.43 1.09 18.94
C ILE A 306 21.65 2.43 19.60
N GLU A 307 21.15 3.53 19.04
CA GLU A 307 21.47 4.83 19.65
C GLU A 307 20.93 5.00 21.10
N HIS A 308 19.86 4.30 21.48
CA HIS A 308 19.33 4.29 22.87
C HIS A 308 20.23 3.64 23.90
N TRP A 309 20.69 2.41 23.64
CA TRP A 309 21.73 1.81 24.47
C TRP A 309 23.07 2.57 24.38
N LYS A 310 23.38 3.24 23.27
CA LYS A 310 24.59 4.10 23.21
C LYS A 310 24.49 5.34 24.10
N LYS A 311 23.27 5.85 24.31
CA LYS A 311 23.02 6.88 25.35
C LYS A 311 23.35 6.27 26.69
N ILE A 312 22.72 5.15 27.00
CA ILE A 312 22.99 4.52 28.27
C ILE A 312 24.48 4.31 28.56
N VAL A 313 25.30 3.81 27.62
CA VAL A 313 26.75 3.65 27.91
C VAL A 313 27.53 4.95 28.08
N LYS A 314 27.15 5.97 27.33
CA LYS A 314 27.84 7.25 27.45
C LYS A 314 27.52 7.89 28.81
N THR A 315 26.28 7.74 29.27
CA THR A 315 25.88 8.10 30.65
C THR A 315 26.62 7.23 31.67
N GLN A 316 26.36 5.93 31.64
CA GLN A 316 27.10 4.98 32.49
C GLN A 316 28.61 5.30 32.65
N GLU A 317 29.30 5.69 31.57
CA GLU A 317 30.75 6.08 31.64
C GLU A 317 31.06 7.43 32.29
N GLU A 318 30.11 8.38 32.22
CA GLU A 318 30.15 9.59 33.04
C GLU A 318 30.07 9.19 34.50
N LEU A 319 29.00 8.49 34.88
CA LEU A 319 28.87 7.93 36.22
C LEU A 319 30.16 7.23 36.67
N LYS A 320 30.79 6.45 35.79
CA LYS A 320 32.05 5.77 36.11
C LYS A 320 33.15 6.74 36.48
N GLU A 321 33.35 7.76 35.65
CA GLU A 321 34.34 8.79 35.96
C GLU A 321 34.03 9.55 37.24
N LEU A 322 32.76 9.84 37.48
CA LEU A 322 32.31 10.45 38.74
C LEU A 322 32.63 9.59 39.96
N LEU A 323 32.39 8.29 39.86
CA LEU A 323 32.70 7.38 40.96
C LEU A 323 34.21 7.29 41.26
N ASN A 324 35.08 7.34 40.24
CA ASN A 324 36.55 7.38 40.51
C ASN A 324 36.99 8.65 41.22
N LYS A 325 36.43 9.78 40.82
CA LYS A 325 36.66 11.02 41.55
C LYS A 325 36.16 10.87 42.97
N MET A 326 34.95 10.35 43.15
CA MET A 326 34.36 10.19 44.47
C MET A 326 35.17 9.25 45.40
N VAL A 327 35.71 8.16 44.87
CA VAL A 327 36.59 7.27 45.64
C VAL A 327 37.92 7.94 45.99
N ASN A 328 38.56 8.62 45.04
CA ASN A 328 39.81 9.31 45.35
C ASN A 328 39.66 10.53 46.25
N LEU A 329 38.47 11.11 46.30
CA LEU A 329 38.14 12.06 47.35
C LEU A 329 38.00 11.37 48.71
N LYS A 330 37.09 10.40 48.83
CA LYS A 330 36.97 9.63 50.07
C LYS A 330 38.34 9.16 50.63
N GLU A 331 39.35 8.94 49.78
CA GLU A 331 40.67 8.52 50.26
C GLU A 331 41.46 9.67 50.84
N LYS A 332 41.49 10.81 50.15
CA LYS A 332 42.12 12.02 50.72
C LYS A 332 41.40 12.53 51.97
N ILE A 333 40.09 12.32 52.03
CA ILE A 333 39.30 12.61 53.23
C ILE A 333 39.65 11.76 54.45
N LYS A 334 39.61 10.42 54.35
CA LYS A 334 40.16 9.58 55.43
C LYS A 334 41.50 10.10 55.90
N GLU A 335 42.44 10.26 54.97
CA GLU A 335 43.79 10.68 55.31
C GLU A 335 43.88 12.04 55.98
N LEU A 336 43.12 13.03 55.49
CA LEU A 336 43.10 14.35 56.13
C LEU A 336 42.54 14.32 57.53
N HIS A 337 41.42 13.62 57.70
CA HIS A 337 40.82 13.46 59.01
C HIS A 337 41.79 12.93 60.02
N GLN A 338 42.50 11.86 59.64
CA GLN A 338 43.57 11.31 60.48
C GLN A 338 44.58 12.38 60.88
N GLN A 339 45.02 13.19 59.94
CA GLN A 339 45.97 14.26 60.24
C GLN A 339 45.43 15.32 61.19
N TYR A 340 44.14 15.64 61.02
CA TYR A 340 43.43 16.56 61.88
C TYR A 340 43.20 16.01 63.29
N LYS A 341 42.92 14.71 63.43
CA LYS A 341 43.01 14.09 64.75
C LYS A 341 44.40 14.29 65.32
N GLU A 342 45.42 13.76 64.63
CA GLU A 342 46.83 13.84 65.09
C GLU A 342 47.28 15.26 65.47
N ALA A 343 46.64 16.27 64.90
CA ALA A 343 46.95 17.63 65.23
C ALA A 343 46.12 18.18 66.38
N SER A 344 44.91 17.65 66.63
CA SER A 344 44.18 17.91 67.91
C SER A 344 44.64 17.07 69.12
N GLU A 345 45.33 15.95 68.87
CA GLU A 345 46.11 15.20 69.90
C GLU A 345 47.00 16.13 70.70
N VAL A 346 47.76 17.01 70.01
CA VAL A 346 48.70 17.92 70.67
C VAL A 346 47.82 18.79 71.54
N LYS A 347 48.13 18.84 72.83
CA LYS A 347 47.21 19.42 73.82
C LYS A 347 47.55 20.87 74.11
N PRO A 348 46.51 21.70 74.29
CA PRO A 348 46.73 23.08 74.69
C PRO A 348 47.53 23.12 76.00
N PRO A 349 48.43 24.09 76.21
CA PRO A 349 48.60 25.22 75.34
C PRO A 349 49.57 24.83 74.26
N ARG A 350 49.35 25.30 73.03
CA ARG A 350 50.25 25.01 71.91
C ARG A 350 50.67 26.29 71.24
N ASP A 351 51.77 26.21 70.50
CA ASP A 351 52.31 27.40 69.88
C ASP A 351 51.43 27.68 68.69
N ILE A 352 51.73 28.73 67.95
CA ILE A 352 50.81 29.15 66.94
C ILE A 352 50.82 28.31 65.67
N THR A 353 51.98 27.81 65.27
CA THR A 353 52.05 26.93 64.11
C THR A 353 51.14 25.70 64.32
N ALA A 354 51.28 25.06 65.49
CA ALA A 354 50.41 23.94 65.92
C ALA A 354 48.91 24.26 65.88
N GLU A 355 48.57 25.47 66.29
CA GLU A 355 47.20 25.93 66.24
C GLU A 355 46.78 26.12 64.79
N PHE A 356 47.66 26.70 63.99
CA PHE A 356 47.45 26.85 62.54
C PHE A 356 47.14 25.50 61.91
N LEU A 357 48.00 24.54 62.19
CA LEU A 357 47.82 23.22 61.69
C LEU A 357 46.41 22.72 61.92
N VAL A 358 45.94 22.72 63.15
CA VAL A 358 44.56 22.29 63.40
C VAL A 358 43.56 23.05 62.53
N LYS A 359 43.71 24.37 62.44
CA LYS A 359 42.69 25.19 61.78
C LYS A 359 42.79 25.00 60.25
N SER A 360 44.01 25.14 59.75
CA SER A 360 44.36 24.75 58.40
C SER A 360 43.69 23.43 58.04
N LYS A 361 44.13 22.32 58.63
CA LYS A 361 43.54 21.02 58.28
C LYS A 361 42.04 20.98 58.43
N HIS A 362 41.47 21.72 59.39
CA HIS A 362 40.03 21.74 59.54
C HIS A 362 39.41 22.31 58.27
N ARG A 363 39.98 23.40 57.77
CA ARG A 363 39.46 24.03 56.56
C ARG A 363 39.65 23.16 55.32
N ASP A 364 40.82 22.56 55.19
CA ASP A 364 41.12 21.74 54.03
C ASP A 364 40.17 20.57 53.98
N LEU A 365 39.91 19.98 55.13
CA LEU A 365 38.97 18.87 55.20
C LEU A 365 37.52 19.29 54.87
N THR A 366 37.02 20.41 55.39
CA THR A 366 35.60 20.80 55.11
C THR A 366 35.39 21.26 53.66
N ALA A 367 36.44 21.79 53.01
CA ALA A 367 36.47 21.98 51.54
C ALA A 367 36.20 20.66 50.80
N LEU A 368 37.01 19.65 51.08
CA LEU A 368 36.87 18.36 50.41
C LEU A 368 35.52 17.70 50.70
N CYS A 369 35.06 17.73 51.95
CA CYS A 369 33.71 17.26 52.25
C CYS A 369 32.61 18.01 51.49
N LYS A 370 32.80 19.30 51.27
CA LYS A 370 31.85 20.08 50.47
C LYS A 370 31.84 19.59 49.02
N GLU A 371 33.01 19.62 48.38
CA GLU A 371 33.18 19.09 47.02
C GLU A 371 32.52 17.71 46.82
N TYR A 372 32.93 16.70 47.62
CA TYR A 372 32.33 15.35 47.65
C TYR A 372 30.81 15.35 47.78
N ASP A 373 30.23 16.23 48.60
CA ASP A 373 28.76 16.31 48.68
C ASP A 373 28.08 16.77 47.35
N GLU A 374 28.75 17.65 46.61
CA GLU A 374 28.28 18.11 45.29
C GLU A 374 28.48 17.11 44.15
N LEU A 375 29.56 16.34 44.21
CA LEU A 375 29.68 15.10 43.41
C LEU A 375 28.57 14.11 43.70
N ALA A 376 28.19 13.93 44.96
CA ALA A 376 27.11 13.00 45.28
C ALA A 376 25.72 13.51 44.91
N GLU A 377 25.54 14.84 44.79
CA GLU A 377 24.32 15.38 44.14
C GLU A 377 24.29 15.00 42.67
N THR A 378 25.36 15.35 41.94
CA THR A 378 25.58 14.90 40.56
C THR A 378 25.26 13.40 40.39
N GLN A 379 25.90 12.55 41.20
CA GLN A 379 25.66 11.10 41.15
C GLN A 379 24.19 10.72 41.14
N GLY A 380 23.42 11.32 42.05
CA GLY A 380 21.97 11.10 42.11
C GLY A 380 21.22 11.47 40.84
N LYS A 381 21.64 12.55 40.17
CA LYS A 381 21.01 13.04 38.90
C LYS A 381 21.20 12.05 37.74
N LEU A 382 22.43 11.55 37.62
CA LEU A 382 22.76 10.56 36.62
C LEU A 382 22.03 9.26 36.92
N GLU A 383 22.18 8.73 38.13
CA GLU A 383 21.49 7.49 38.52
C GLU A 383 19.97 7.45 38.33
N GLU A 384 19.31 8.61 38.37
CA GLU A 384 17.87 8.69 38.09
C GLU A 384 17.65 8.80 36.58
N LYS A 385 18.44 9.64 35.90
CA LYS A 385 18.44 9.67 34.42
C LYS A 385 18.52 8.28 33.77
N LEU A 386 19.43 7.44 34.26
CA LEU A 386 19.57 6.03 33.85
C LEU A 386 18.37 5.14 34.15
N GLN A 387 17.73 5.35 35.30
CA GLN A 387 16.48 4.65 35.62
C GLN A 387 15.35 5.04 34.69
N GLU A 388 15.35 6.28 34.19
CA GLU A 388 14.38 6.75 33.19
C GLU A 388 14.62 6.18 31.78
N LEU A 389 15.89 6.12 31.37
CA LEU A 389 16.24 5.51 30.08
C LEU A 389 15.96 4.01 30.08
N GLU A 390 16.33 3.33 31.16
CA GLU A 390 15.89 1.94 31.38
C GLU A 390 14.36 1.74 31.32
N ALA A 391 13.61 2.74 31.79
CA ALA A 391 12.15 2.69 31.82
C ALA A 391 11.48 2.91 30.46
N ASN A 392 12.07 3.79 29.62
CA ASN A 392 11.52 4.15 28.29
C ASN A 392 12.37 3.67 27.11
N PRO A 393 12.24 2.36 26.76
CA PRO A 393 13.02 1.81 25.66
C PRO A 393 12.23 1.89 24.33
N PRO A 394 12.94 2.03 23.19
CA PRO A 394 12.31 1.91 21.88
C PRO A 394 11.76 0.49 21.65
N SER A 395 10.86 0.32 20.68
CA SER A 395 10.19 -0.97 20.47
C SER A 395 11.22 -2.02 20.16
N ASP A 396 10.95 -3.23 20.62
CA ASP A 396 11.85 -4.37 20.43
C ASP A 396 11.98 -4.85 18.96
N VAL A 397 10.85 -4.93 18.25
CA VAL A 397 10.79 -5.45 16.87
C VAL A 397 9.83 -4.63 15.96
N TYR A 398 10.10 -4.64 14.66
CA TYR A 398 9.18 -3.99 13.71
C TYR A 398 7.82 -4.72 13.75
N LEU A 399 7.85 -6.03 13.53
CA LEU A 399 6.65 -6.85 13.62
C LEU A 399 6.97 -8.25 14.15
N SER A 400 6.04 -8.80 14.95
CA SER A 400 6.15 -10.17 15.43
C SER A 400 5.75 -11.18 14.36
N SER A 401 5.89 -12.45 14.70
CA SER A 401 5.40 -13.50 13.83
C SER A 401 3.91 -13.51 13.67
N ARG A 402 3.15 -13.21 14.72
CA ARG A 402 1.70 -13.06 14.59
C ARG A 402 1.29 -11.83 13.80
N ASP A 403 2.00 -10.73 13.98
CA ASP A 403 1.75 -9.51 13.21
C ASP A 403 1.97 -9.74 11.71
N ARG A 404 3.16 -10.25 11.38
CA ARG A 404 3.50 -10.51 9.99
C ARG A 404 2.48 -11.42 9.36
N GLN A 405 2.00 -12.41 10.10
CA GLN A 405 1.00 -13.31 9.55
C GLN A 405 -0.25 -12.53 9.16
N ILE A 406 -0.69 -11.63 10.04
CA ILE A 406 -1.87 -10.83 9.74
C ILE A 406 -1.60 -9.91 8.55
N LEU A 407 -0.42 -9.31 8.52
CA LEU A 407 0.01 -8.47 7.40
C LEU A 407 -0.02 -9.24 6.06
N ASP A 408 0.36 -10.51 6.14
CA ASP A 408 0.24 -11.43 5.01
C ASP A 408 -1.19 -11.63 4.55
N TRP A 409 -2.15 -11.78 5.44
CA TRP A 409 -3.53 -11.81 4.98
C TRP A 409 -3.91 -10.54 4.24
N HIS A 410 -3.40 -9.39 4.69
CA HIS A 410 -3.70 -8.15 3.98
C HIS A 410 -3.04 -8.13 2.61
N PHE A 411 -1.83 -8.67 2.49
CA PHE A 411 -1.22 -8.88 1.16
C PHE A 411 -1.98 -9.88 0.27
N ALA A 412 -2.47 -10.96 0.88
CA ALA A 412 -3.29 -11.91 0.14
C ALA A 412 -4.57 -11.28 -0.36
N ASN A 413 -5.17 -10.35 0.38
CA ASN A 413 -6.30 -9.63 -0.18
C ASN A 413 -5.89 -8.78 -1.38
N LEU A 414 -4.67 -8.24 -1.38
CA LEU A 414 -4.19 -7.48 -2.53
C LEU A 414 -3.90 -8.40 -3.67
N GLU A 415 -3.30 -9.52 -3.35
CA GLU A 415 -3.04 -10.50 -4.37
C GLU A 415 -4.29 -11.05 -5.01
N PHE A 416 -5.37 -11.07 -4.24
CA PHE A 416 -6.63 -11.55 -4.77
C PHE A 416 -7.26 -10.51 -5.69
N ALA A 417 -7.27 -9.27 -5.26
CA ALA A 417 -7.88 -8.22 -6.05
C ALA A 417 -7.13 -7.96 -7.36
N ASN A 418 -5.82 -8.20 -7.39
CA ASN A 418 -5.09 -8.12 -8.65
C ASN A 418 -5.02 -9.44 -9.37
N ALA A 419 -5.35 -10.51 -8.67
CA ALA A 419 -5.30 -11.84 -9.23
C ALA A 419 -3.89 -12.40 -9.41
N THR A 420 -2.88 -11.80 -8.78
CA THR A 420 -1.52 -12.31 -8.95
C THR A 420 -0.54 -12.00 -7.81
N PRO A 421 0.62 -12.75 -7.77
CA PRO A 421 1.54 -12.39 -6.69
C PRO A 421 2.05 -10.98 -6.85
N LEU A 422 2.27 -10.31 -5.74
CA LEU A 422 2.69 -8.92 -5.77
C LEU A 422 4.06 -8.85 -6.37
N SER A 423 4.74 -9.99 -6.51
CA SER A 423 6.04 -10.04 -7.16
C SER A 423 6.00 -9.89 -8.68
N THR A 424 4.78 -9.95 -9.24
CA THR A 424 4.47 -9.77 -10.68
C THR A 424 3.94 -8.37 -11.05
N LEU A 425 3.15 -7.75 -10.17
CA LEU A 425 2.65 -6.37 -10.37
C LEU A 425 3.74 -5.34 -10.63
N SER A 426 3.49 -4.39 -11.51
CA SER A 426 4.41 -3.28 -11.70
C SER A 426 4.31 -2.37 -10.50
N LEU A 427 5.45 -1.99 -9.95
CA LEU A 427 5.47 -1.00 -8.87
C LEU A 427 4.78 0.26 -9.29
N LYS A 428 5.29 0.90 -10.33
CA LYS A 428 4.77 2.18 -10.72
C LYS A 428 3.30 2.15 -11.13
N HIS A 429 2.89 1.10 -11.84
CA HIS A 429 1.66 1.12 -12.65
C HIS A 429 0.50 0.24 -12.21
N TRP A 430 0.70 -0.64 -11.25
CA TRP A 430 -0.37 -1.57 -10.85
C TRP A 430 -1.72 -0.90 -10.52
N ASP A 431 -1.64 0.29 -9.90
CA ASP A 431 -2.78 1.00 -9.32
C ASP A 431 -3.38 2.00 -10.30
N GLN A 432 -2.85 2.11 -11.51
CA GLN A 432 -3.21 3.18 -12.46
C GLN A 432 -4.71 3.33 -12.74
N ASP A 433 -5.40 2.21 -12.81
CA ASP A 433 -6.85 2.23 -12.96
C ASP A 433 -7.66 2.81 -11.76
N ASP A 434 -7.00 3.01 -10.61
CA ASP A 434 -7.69 3.41 -9.35
C ASP A 434 -8.31 4.79 -9.46
N ASP A 435 -7.83 5.60 -10.41
CA ASP A 435 -8.35 6.95 -10.59
C ASP A 435 -9.72 6.94 -11.18
N PHE A 436 -10.08 5.90 -11.91
CA PHE A 436 -11.35 5.93 -12.62
C PHE A 436 -12.41 5.16 -11.88
N GLU A 437 -12.13 4.86 -10.62
CA GLU A 437 -12.98 4.06 -9.78
C GLU A 437 -14.38 4.63 -9.65
N PHE A 438 -15.36 3.75 -9.57
CA PHE A 438 -16.71 4.23 -9.46
C PHE A 438 -17.02 4.55 -8.02
N THR A 439 -18.08 5.31 -7.83
CA THR A 439 -18.54 5.72 -6.51
C THR A 439 -19.81 4.95 -6.15
N GLY A 440 -19.89 4.50 -4.91
CA GLY A 440 -21.04 3.74 -4.44
C GLY A 440 -20.62 2.45 -3.80
N SER A 441 -21.57 1.83 -3.14
CA SER A 441 -21.35 0.56 -2.47
C SER A 441 -21.07 -0.48 -3.57
N HIS A 442 -20.10 -1.36 -3.34
CA HIS A 442 -19.94 -2.54 -4.19
C HIS A 442 -21.13 -3.44 -3.95
N LEU A 443 -21.55 -4.19 -4.97
CA LEU A 443 -22.73 -5.04 -4.88
C LEU A 443 -22.52 -6.42 -5.46
N THR A 444 -23.39 -7.33 -5.06
CA THR A 444 -23.41 -8.66 -5.63
C THR A 444 -24.69 -8.78 -6.41
N VAL A 445 -24.66 -9.65 -7.40
CA VAL A 445 -25.83 -10.05 -8.16
C VAL A 445 -26.30 -11.29 -7.44
N ARG A 446 -27.49 -11.22 -6.87
CA ARG A 446 -27.96 -12.26 -5.97
C ARG A 446 -28.50 -13.45 -6.76
N ASN A 447 -29.03 -13.19 -7.94
CA ASN A 447 -29.61 -14.24 -8.76
C ASN A 447 -28.63 -14.71 -9.83
N GLY A 448 -27.34 -14.42 -9.67
CA GLY A 448 -26.31 -14.92 -10.58
C GLY A 448 -26.08 -13.92 -11.70
N TYR A 449 -24.82 -13.62 -11.98
CA TYR A 449 -24.45 -12.59 -12.97
C TYR A 449 -24.75 -13.06 -14.40
N SER A 450 -24.86 -14.37 -14.62
CA SER A 450 -25.17 -14.93 -15.94
C SER A 450 -26.48 -14.37 -16.50
N CYS A 451 -27.42 -13.99 -15.63
CA CYS A 451 -28.59 -13.29 -16.12
C CYS A 451 -28.27 -12.19 -17.14
N VAL A 452 -27.09 -11.53 -17.03
CA VAL A 452 -26.70 -10.43 -17.93
C VAL A 452 -26.29 -10.91 -19.31
N PRO A 453 -25.24 -11.74 -19.44
CA PRO A 453 -24.87 -12.27 -20.76
C PRO A 453 -26.04 -12.94 -21.47
N VAL A 454 -26.72 -13.79 -20.72
CA VAL A 454 -27.89 -14.45 -21.25
C VAL A 454 -28.80 -13.43 -21.88
N ALA A 455 -29.22 -12.43 -21.11
CA ALA A 455 -30.11 -11.40 -21.66
C ALA A 455 -29.50 -10.67 -22.86
N LEU A 456 -28.18 -10.42 -22.87
CA LEU A 456 -27.53 -9.72 -24.01
C LEU A 456 -27.60 -10.52 -25.29
N ALA A 457 -27.41 -11.82 -25.14
CA ALA A 457 -27.51 -12.75 -26.26
C ALA A 457 -28.92 -12.91 -26.88
N GLU A 458 -29.96 -12.36 -26.27
CA GLU A 458 -31.30 -12.53 -26.85
C GLU A 458 -31.37 -11.72 -28.12
N GLY A 459 -31.59 -12.44 -29.20
CA GLY A 459 -31.69 -11.85 -30.51
C GLY A 459 -30.41 -11.95 -31.30
N LEU A 460 -29.36 -12.57 -30.78
CA LEU A 460 -28.15 -12.70 -31.57
C LEU A 460 -27.95 -14.10 -32.14
N ASP A 461 -27.09 -14.13 -33.15
CA ASP A 461 -26.71 -15.34 -33.87
C ASP A 461 -25.38 -15.83 -33.32
N ILE A 462 -25.46 -16.83 -32.44
CA ILE A 462 -24.30 -17.27 -31.71
C ILE A 462 -24.10 -18.75 -31.99
N LYS A 463 -22.89 -19.07 -32.43
CA LYS A 463 -22.56 -20.43 -32.73
C LYS A 463 -21.86 -21.07 -31.53
N LEU A 464 -22.58 -21.84 -30.72
CA LEU A 464 -21.96 -22.46 -29.55
C LEU A 464 -21.07 -23.61 -29.96
N ASN A 465 -20.16 -24.00 -29.08
CA ASN A 465 -19.27 -25.14 -29.34
C ASN A 465 -18.44 -25.04 -30.63
N THR A 466 -18.09 -23.82 -31.03
CA THR A 466 -17.35 -23.60 -32.26
C THR A 466 -16.05 -22.91 -31.93
N ALA A 467 -14.99 -23.68 -32.04
CA ALA A 467 -13.71 -23.25 -31.55
C ALA A 467 -12.88 -22.66 -32.66
N VAL A 468 -12.77 -21.35 -32.69
CA VAL A 468 -11.94 -20.73 -33.70
C VAL A 468 -10.50 -21.26 -33.64
N ARG A 469 -9.98 -21.69 -34.78
CA ARG A 469 -8.64 -22.20 -34.83
C ARG A 469 -7.71 -21.39 -35.71
N GLN A 470 -8.28 -20.54 -36.57
CA GLN A 470 -7.47 -19.74 -37.45
C GLN A 470 -8.17 -18.47 -37.94
N VAL A 471 -7.45 -17.36 -37.88
CA VAL A 471 -7.96 -16.09 -38.38
C VAL A 471 -7.05 -15.58 -39.50
N ARG A 472 -7.68 -15.51 -40.69
CA ARG A 472 -7.09 -15.06 -41.94
C ARG A 472 -7.73 -13.73 -42.31
N TYR A 473 -6.90 -12.72 -42.50
CA TYR A 473 -7.35 -11.38 -42.85
C TYR A 473 -6.42 -10.91 -44.01
N THR A 474 -7.05 -10.41 -45.07
CA THR A 474 -6.35 -9.85 -46.23
C THR A 474 -7.04 -8.61 -46.71
N ALA A 475 -6.30 -7.89 -47.52
CA ALA A 475 -6.78 -6.63 -48.02
C ALA A 475 -8.25 -6.64 -48.42
N SER A 476 -8.72 -7.77 -48.98
CA SER A 476 -10.06 -7.90 -49.58
C SER A 476 -11.14 -8.50 -48.69
N GLY A 477 -10.73 -9.00 -47.52
CA GLY A 477 -11.64 -9.58 -46.53
C GLY A 477 -10.99 -10.55 -45.56
N CYS A 478 -11.82 -11.26 -44.80
CA CYS A 478 -11.34 -12.26 -43.85
C CYS A 478 -12.12 -13.55 -43.94
N GLU A 479 -11.39 -14.63 -43.65
CA GLU A 479 -11.99 -15.91 -43.36
C GLU A 479 -11.52 -16.38 -41.99
N VAL A 480 -12.46 -17.01 -41.27
CA VAL A 480 -12.23 -17.56 -39.94
C VAL A 480 -12.54 -19.03 -40.02
N ILE A 481 -11.57 -19.85 -39.66
CA ILE A 481 -11.72 -21.30 -39.59
C ILE A 481 -11.89 -21.74 -38.16
N ALA A 482 -13.09 -22.26 -37.87
CA ALA A 482 -13.45 -22.92 -36.59
C ALA A 482 -13.60 -24.44 -36.76
N VAL A 483 -13.68 -25.13 -35.62
CA VAL A 483 -14.10 -26.53 -35.57
C VAL A 483 -15.22 -26.68 -34.55
N ASN A 484 -15.78 -27.87 -34.50
CA ASN A 484 -16.74 -28.24 -33.50
C ASN A 484 -15.93 -28.85 -32.36
N THR A 485 -16.20 -28.37 -31.13
CA THR A 485 -15.44 -28.78 -29.93
C THR A 485 -15.76 -30.21 -29.55
N ARG A 486 -17.01 -30.60 -29.81
CA ARG A 486 -17.46 -31.97 -29.60
C ARG A 486 -16.71 -32.92 -30.58
N SER A 487 -16.68 -32.53 -31.85
CA SER A 487 -16.07 -33.29 -32.94
C SER A 487 -14.93 -32.49 -33.60
N THR A 488 -13.67 -32.68 -33.14
CA THR A 488 -12.49 -31.87 -33.66
C THR A 488 -12.35 -31.87 -35.20
N SER A 489 -12.80 -32.96 -35.86
CA SER A 489 -12.63 -33.13 -37.32
C SER A 489 -13.55 -32.25 -38.16
N GLN A 490 -14.83 -32.22 -37.81
CA GLN A 490 -15.85 -31.39 -38.51
C GLN A 490 -15.47 -29.90 -38.56
N THR A 491 -15.36 -29.33 -39.76
CA THR A 491 -14.68 -28.04 -39.92
C THR A 491 -15.64 -27.02 -40.50
N PHE A 492 -15.58 -25.80 -39.99
CA PHE A 492 -16.39 -24.66 -40.46
C PHE A 492 -15.50 -23.53 -41.02
N ILE A 493 -15.99 -22.86 -42.06
CA ILE A 493 -15.36 -21.63 -42.58
C ILE A 493 -16.40 -20.51 -42.70
N TYR A 494 -16.00 -19.35 -42.15
CA TYR A 494 -16.80 -18.11 -42.12
C TYR A 494 -16.03 -17.02 -42.81
N LYS A 495 -16.68 -16.34 -43.74
CA LYS A 495 -16.08 -15.24 -44.49
C LYS A 495 -16.82 -14.01 -44.10
N CYS A 496 -16.08 -12.91 -44.04
CA CYS A 496 -16.61 -11.65 -43.56
C CYS A 496 -15.72 -10.47 -43.94
N ASP A 497 -16.30 -9.28 -43.83
CA ASP A 497 -15.59 -8.00 -44.00
C ASP A 497 -14.60 -7.70 -42.86
N ALA A 498 -14.96 -8.12 -41.63
CA ALA A 498 -14.16 -7.84 -40.43
C ALA A 498 -14.37 -8.80 -39.28
N VAL A 499 -13.28 -8.98 -38.54
CA VAL A 499 -13.18 -9.90 -37.43
C VAL A 499 -12.94 -9.15 -36.13
N LEU A 500 -13.82 -9.37 -35.16
CA LEU A 500 -13.67 -8.81 -33.82
C LEU A 500 -13.28 -9.89 -32.85
N CYS A 501 -12.01 -9.88 -32.48
CA CYS A 501 -11.42 -10.85 -31.56
C CYS A 501 -11.48 -10.46 -30.07
N THR A 502 -12.40 -11.09 -29.34
CA THR A 502 -12.50 -10.95 -27.86
C THR A 502 -11.80 -12.07 -27.09
N LEU A 503 -10.79 -12.68 -27.70
CA LEU A 503 -10.14 -13.82 -27.11
C LEU A 503 -9.39 -13.33 -25.93
N PRO A 504 -9.62 -13.91 -24.74
CA PRO A 504 -8.93 -13.58 -23.52
C PRO A 504 -7.46 -13.57 -23.69
N LEU A 505 -6.80 -12.69 -22.95
CA LEU A 505 -5.37 -12.54 -23.09
C LEU A 505 -4.64 -13.88 -22.80
N GLY A 506 -5.25 -14.74 -21.99
CA GLY A 506 -4.64 -16.02 -21.64
C GLY A 506 -4.45 -16.85 -22.88
N VAL A 507 -5.50 -16.80 -23.70
CA VAL A 507 -5.58 -17.46 -25.01
C VAL A 507 -4.59 -16.82 -25.94
N LEU A 508 -4.66 -15.51 -26.10
CA LEU A 508 -3.72 -14.81 -26.98
C LEU A 508 -2.29 -15.07 -26.57
N LYS A 509 -2.10 -15.39 -25.30
CA LYS A 509 -0.78 -15.66 -24.79
C LYS A 509 -0.30 -17.06 -25.09
N GLN A 510 -1.23 -18.00 -25.35
CA GLN A 510 -0.91 -19.45 -25.42
C GLN A 510 0.26 -19.76 -26.32
N GLN A 511 1.17 -20.62 -25.83
CA GLN A 511 2.29 -21.17 -26.63
C GLN A 511 2.40 -22.68 -26.45
N PRO A 512 2.28 -23.47 -27.51
CA PRO A 512 2.01 -23.02 -28.88
C PRO A 512 0.55 -22.60 -29.11
N PRO A 513 0.32 -21.72 -30.08
CA PRO A 513 -0.93 -20.96 -30.13
C PRO A 513 -2.20 -21.78 -30.32
N ALA A 514 -3.25 -21.53 -29.54
CA ALA A 514 -4.60 -22.13 -29.79
C ALA A 514 -5.28 -21.60 -31.04
N VAL A 515 -4.87 -20.39 -31.42
CA VAL A 515 -5.42 -19.69 -32.57
C VAL A 515 -4.26 -19.10 -33.33
N GLN A 516 -4.36 -19.24 -34.64
CA GLN A 516 -3.34 -18.88 -35.59
C GLN A 516 -3.86 -17.71 -36.41
N PHE A 517 -2.94 -16.77 -36.59
CA PHE A 517 -3.23 -15.54 -37.28
C PHE A 517 -2.45 -15.53 -38.60
N VAL A 518 -3.23 -15.36 -39.65
CA VAL A 518 -2.72 -15.28 -41.01
C VAL A 518 -3.12 -14.02 -41.75
N PRO A 519 -2.14 -13.11 -41.90
CA PRO A 519 -0.72 -13.32 -41.49
C PRO A 519 -0.44 -13.09 -39.99
N PRO A 520 0.78 -13.43 -39.53
CA PRO A 520 1.07 -13.21 -38.12
C PRO A 520 0.75 -11.81 -37.64
N LEU A 521 0.41 -11.71 -36.35
CA LEU A 521 0.24 -10.44 -35.71
C LEU A 521 1.60 -9.77 -35.59
N PRO A 522 1.65 -8.46 -35.79
CA PRO A 522 2.90 -7.70 -35.76
C PRO A 522 3.60 -7.78 -34.40
N GLU A 523 4.91 -7.62 -34.43
CA GLU A 523 5.74 -7.72 -33.24
C GLU A 523 5.27 -6.76 -32.18
N TRP A 524 4.83 -5.57 -32.60
CA TRP A 524 4.34 -4.61 -31.63
C TRP A 524 3.15 -5.18 -30.87
N LYS A 525 2.30 -5.93 -31.55
CA LYS A 525 1.17 -6.51 -30.88
C LYS A 525 1.58 -7.73 -30.06
N THR A 526 2.49 -8.56 -30.57
CA THR A 526 2.88 -9.79 -29.85
C THR A 526 3.61 -9.45 -28.57
N SER A 527 4.53 -8.47 -28.63
CA SER A 527 5.17 -7.94 -27.44
C SER A 527 4.22 -7.38 -26.39
N ALA A 528 3.14 -6.74 -26.83
CA ALA A 528 2.10 -6.29 -25.89
C ALA A 528 1.47 -7.47 -25.21
N VAL A 529 1.19 -8.51 -25.97
CA VAL A 529 0.59 -9.69 -25.37
C VAL A 529 1.56 -10.30 -24.38
N GLN A 530 2.82 -10.38 -24.79
CA GLN A 530 3.86 -10.96 -23.95
C GLN A 530 4.15 -10.16 -22.68
N ARG A 531 4.25 -8.84 -22.81
CA ARG A 531 4.55 -7.96 -21.67
C ARG A 531 3.44 -7.91 -20.64
N MET A 532 2.20 -7.82 -21.10
CA MET A 532 1.02 -7.71 -20.23
C MET A 532 0.85 -8.92 -19.36
N GLY A 533 0.03 -8.77 -18.33
CA GLY A 533 -0.09 -9.82 -17.34
C GLY A 533 -1.42 -10.49 -17.41
N PHE A 534 -1.44 -11.80 -17.28
CA PHE A 534 -2.69 -12.46 -17.09
C PHE A 534 -2.58 -13.24 -15.82
N GLY A 535 -3.54 -13.02 -14.94
CA GLY A 535 -3.48 -13.53 -13.59
C GLY A 535 -4.43 -14.68 -13.38
N ASN A 536 -4.52 -15.12 -12.13
CA ASN A 536 -5.38 -16.23 -11.72
C ASN A 536 -5.94 -16.01 -10.29
N LEU A 537 -7.15 -16.52 -10.09
CA LEU A 537 -7.85 -16.46 -8.84
C LEU A 537 -8.82 -17.62 -8.89
N ASN A 538 -9.19 -18.18 -7.75
CA ASN A 538 -10.17 -19.30 -7.78
C ASN A 538 -11.23 -19.25 -6.69
N LYS A 539 -12.39 -19.82 -6.96
CA LYS A 539 -13.46 -19.83 -5.97
C LYS A 539 -13.88 -21.24 -5.61
N VAL A 540 -14.23 -21.46 -4.33
CA VAL A 540 -14.75 -22.74 -3.86
C VAL A 540 -16.13 -22.51 -3.31
N VAL A 541 -17.11 -23.17 -3.90
CA VAL A 541 -18.49 -22.97 -3.52
C VAL A 541 -18.89 -24.05 -2.52
N LEU A 542 -19.36 -23.63 -1.35
CA LEU A 542 -19.81 -24.53 -0.26
C LEU A 542 -21.27 -24.25 0.05
N CYS A 543 -22.10 -25.21 -0.37
CA CYS A 543 -23.56 -25.18 -0.22
C CYS A 543 -24.01 -26.07 0.91
N PHE A 544 -24.55 -25.43 1.95
CA PHE A 544 -25.02 -26.11 3.16
C PHE A 544 -26.51 -25.95 3.38
N ASP A 545 -27.11 -26.95 4.01
CA ASP A 545 -28.53 -26.95 4.36
C ASP A 545 -28.93 -25.85 5.34
N ARG A 546 -28.09 -25.58 6.32
CA ARG A 546 -28.39 -24.56 7.33
C ARG A 546 -27.25 -23.56 7.52
N VAL A 547 -27.60 -22.34 7.88
CA VAL A 547 -26.62 -21.28 8.07
C VAL A 547 -25.97 -21.41 9.44
N PHE A 548 -24.64 -21.55 9.49
CA PHE A 548 -23.90 -21.60 10.76
C PHE A 548 -22.89 -20.47 11.00
N TRP A 549 -22.97 -19.40 10.22
CA TRP A 549 -21.97 -18.34 10.28
C TRP A 549 -22.77 -17.16 10.71
N ASP A 550 -22.15 -16.00 10.77
CA ASP A 550 -22.88 -14.82 11.14
C ASP A 550 -23.70 -14.25 9.97
N PRO A 551 -25.05 -14.36 10.05
CA PRO A 551 -25.90 -13.82 8.98
C PRO A 551 -25.78 -12.34 8.69
N SER A 552 -25.25 -11.53 9.62
CA SER A 552 -25.07 -10.10 9.34
C SER A 552 -23.68 -9.74 8.84
N VAL A 553 -22.81 -10.74 8.67
CA VAL A 553 -21.46 -10.53 8.16
C VAL A 553 -21.32 -11.19 6.80
N ASN A 554 -21.08 -10.36 5.79
CA ASN A 554 -20.91 -10.83 4.42
C ASN A 554 -19.64 -11.64 4.22
N LEU A 555 -18.55 -11.20 4.83
CA LEU A 555 -17.26 -11.87 4.65
C LEU A 555 -16.36 -11.87 5.89
N PHE A 556 -15.57 -12.93 6.01
CA PHE A 556 -14.62 -13.09 7.09
C PHE A 556 -13.36 -13.73 6.52
N GLY A 557 -12.22 -13.51 7.17
CA GLY A 557 -10.95 -14.03 6.66
C GLY A 557 -10.36 -15.12 7.52
N HIS A 558 -9.49 -15.93 6.93
CA HIS A 558 -8.67 -16.89 7.66
C HIS A 558 -7.22 -16.52 7.42
N VAL A 559 -6.41 -16.53 8.47
CA VAL A 559 -5.01 -16.13 8.32
C VAL A 559 -4.16 -17.37 8.12
N GLY A 560 -3.23 -17.29 7.18
CA GLY A 560 -2.47 -18.47 6.82
C GLY A 560 -1.31 -18.62 7.77
N SER A 561 -0.87 -19.86 7.96
CA SER A 561 0.33 -20.18 8.74
C SER A 561 1.56 -19.46 8.26
N THR A 562 1.88 -19.59 6.98
CA THR A 562 3.11 -19.05 6.44
C THR A 562 2.84 -17.86 5.53
N THR A 563 3.94 -17.31 5.02
CA THR A 563 3.96 -16.37 3.91
C THR A 563 3.51 -17.11 2.65
N ALA A 564 4.18 -18.23 2.37
CA ALA A 564 3.86 -19.07 1.20
C ALA A 564 2.37 -19.30 1.01
N SER A 565 1.67 -19.71 2.07
CA SER A 565 0.25 -20.07 1.97
C SER A 565 -0.76 -19.02 2.44
N ARG A 566 -0.37 -17.74 2.47
CA ARG A 566 -1.29 -16.72 2.93
C ARG A 566 -2.59 -16.67 2.13
N GLY A 567 -2.47 -16.79 0.81
CA GLY A 567 -3.65 -16.76 -0.06
C GLY A 567 -4.61 -17.93 0.08
N GLU A 568 -4.05 -19.10 0.33
CA GLU A 568 -4.80 -20.35 0.40
C GLU A 568 -6.01 -20.21 1.30
N LEU A 569 -7.17 -20.21 0.69
CA LEU A 569 -8.43 -20.23 1.41
C LEU A 569 -8.59 -19.10 2.43
N PHE A 570 -7.96 -17.98 2.09
CA PHE A 570 -7.85 -16.85 2.97
C PHE A 570 -9.13 -16.04 3.20
N LEU A 571 -10.24 -16.31 2.53
CA LEU A 571 -11.37 -15.39 2.68
C LEU A 571 -12.69 -16.06 2.32
N PHE A 572 -13.76 -15.75 3.06
CA PHE A 572 -15.07 -16.37 2.84
C PHE A 572 -16.21 -15.35 2.60
N TRP A 573 -17.13 -15.63 1.66
CA TRP A 573 -18.23 -14.68 1.37
C TRP A 573 -19.54 -15.36 1.67
N ASN A 574 -20.43 -14.59 2.26
CA ASN A 574 -21.75 -15.03 2.61
C ASN A 574 -22.65 -13.99 2.04
N LEU A 575 -22.84 -13.99 0.73
CA LEU A 575 -23.64 -12.94 0.09
C LEU A 575 -25.00 -13.43 -0.35
N TYR A 576 -25.10 -14.74 -0.50
CA TYR A 576 -26.31 -15.34 -1.02
C TYR A 576 -27.30 -15.72 0.08
N LYS A 577 -28.54 -15.25 -0.12
CA LYS A 577 -29.65 -15.55 0.78
C LYS A 577 -29.60 -17.00 1.20
N ALA A 578 -29.50 -17.87 0.20
CA ALA A 578 -29.31 -19.29 0.43
C ALA A 578 -28.05 -19.54 1.27
N PRO A 579 -27.99 -20.70 1.90
CA PRO A 579 -26.83 -21.03 2.74
C PRO A 579 -25.56 -21.43 1.98
N ILE A 580 -24.89 -20.43 1.39
CA ILE A 580 -23.70 -20.68 0.58
C ILE A 580 -22.53 -19.84 1.07
N LEU A 581 -21.40 -20.52 1.19
CA LEU A 581 -20.18 -19.87 1.58
C LEU A 581 -19.16 -20.08 0.50
N LEU A 582 -18.55 -18.98 0.10
CA LEU A 582 -17.54 -19.01 -0.93
C LEU A 582 -16.20 -18.86 -0.28
N ALA A 583 -15.23 -19.67 -0.65
CA ALA A 583 -13.88 -19.53 -0.14
C ALA A 583 -12.97 -19.16 -1.28
N LEU A 584 -12.14 -18.16 -1.09
CA LEU A 584 -11.30 -17.66 -2.19
C LEU A 584 -9.83 -18.01 -2.05
N VAL A 585 -9.25 -18.45 -3.16
CA VAL A 585 -7.84 -18.78 -3.21
C VAL A 585 -7.19 -17.70 -4.02
N ALA A 586 -5.93 -17.37 -3.72
CA ALA A 586 -5.33 -16.22 -4.40
C ALA A 586 -3.83 -16.28 -4.43
N GLY A 587 -3.22 -15.30 -5.06
CA GLY A 587 -1.78 -15.19 -5.02
C GLY A 587 -1.08 -16.43 -5.58
N GLU A 588 0.06 -16.79 -5.03
CA GLU A 588 0.81 -17.92 -5.55
C GLU A 588 0.01 -19.21 -5.40
N ALA A 589 -0.81 -19.21 -4.36
CA ALA A 589 -1.60 -20.35 -3.96
C ALA A 589 -2.59 -20.82 -5.00
N ALA A 590 -3.28 -19.90 -5.66
CA ALA A 590 -4.30 -20.24 -6.66
C ALA A 590 -3.76 -21.18 -7.72
N GLY A 591 -2.60 -20.77 -8.26
CA GLY A 591 -1.83 -21.52 -9.26
C GLY A 591 -1.45 -22.96 -8.92
N ILE A 592 -1.44 -23.28 -7.62
CA ILE A 592 -1.04 -24.59 -7.09
C ILE A 592 -2.23 -25.45 -6.65
N MET A 593 -3.28 -24.81 -6.19
CA MET A 593 -4.49 -25.48 -5.78
C MET A 593 -5.33 -25.92 -6.95
N GLU A 594 -4.89 -25.58 -8.15
CA GLU A 594 -5.46 -26.21 -9.33
C GLU A 594 -5.01 -27.68 -9.44
N ASN A 595 -3.81 -27.99 -8.94
CA ASN A 595 -3.30 -29.36 -8.94
C ASN A 595 -3.74 -30.28 -7.80
N ILE A 596 -4.65 -29.82 -6.96
CA ILE A 596 -5.12 -30.60 -5.83
C ILE A 596 -6.60 -30.89 -6.04
N SER A 597 -7.00 -32.11 -5.69
CA SER A 597 -8.38 -32.57 -5.88
C SER A 597 -9.40 -31.81 -5.04
N ASP A 598 -10.63 -31.78 -5.55
CA ASP A 598 -11.72 -31.07 -4.89
C ASP A 598 -12.05 -31.62 -3.50
N ASP A 599 -11.99 -32.94 -3.34
CA ASP A 599 -12.28 -33.54 -2.05
C ASP A 599 -11.28 -33.01 -1.03
N VAL A 600 -10.01 -32.96 -1.42
CA VAL A 600 -8.97 -32.40 -0.55
C VAL A 600 -9.19 -30.92 -0.24
N ILE A 601 -9.56 -30.13 -1.25
CA ILE A 601 -9.73 -28.67 -1.07
C ILE A 601 -10.91 -28.37 -0.16
N VAL A 602 -12.04 -29.00 -0.44
CA VAL A 602 -13.22 -28.90 0.43
C VAL A 602 -12.84 -29.35 1.87
N GLY A 603 -11.96 -30.35 1.98
CA GLY A 603 -11.43 -30.79 3.28
C GLY A 603 -10.81 -29.63 4.02
N ARG A 604 -9.68 -29.16 3.49
CA ARG A 604 -8.95 -28.00 4.03
C ARG A 604 -9.89 -26.83 4.39
N CYS A 605 -10.91 -26.60 3.55
CA CYS A 605 -11.99 -25.59 3.79
C CYS A 605 -12.78 -25.81 5.07
N LEU A 606 -13.27 -27.03 5.23
CA LEU A 606 -14.06 -27.42 6.39
C LEU A 606 -13.22 -27.38 7.65
N ALA A 607 -12.02 -27.95 7.58
CA ALA A 607 -10.97 -27.75 8.61
C ALA A 607 -11.01 -26.33 9.16
N ILE A 608 -10.72 -25.35 8.30
CA ILE A 608 -10.66 -23.94 8.69
C ILE A 608 -11.98 -23.48 9.34
N LEU A 609 -13.10 -23.78 8.68
CA LEU A 609 -14.45 -23.44 9.17
C LEU A 609 -14.82 -24.01 10.55
N LYS A 610 -14.49 -25.30 10.76
CA LYS A 610 -14.63 -25.99 12.07
C LYS A 610 -13.81 -25.32 13.18
N GLY A 611 -12.54 -25.09 12.86
CA GLY A 611 -11.64 -24.27 13.66
C GLY A 611 -12.19 -22.90 14.08
N ILE A 612 -13.08 -22.31 13.29
CA ILE A 612 -13.63 -20.99 13.61
C ILE A 612 -15.02 -21.05 14.25
N PHE A 613 -15.85 -22.02 13.89
CA PHE A 613 -17.22 -22.14 14.44
C PHE A 613 -17.48 -23.45 15.25
N GLY A 614 -16.50 -24.36 15.29
CA GLY A 614 -16.55 -25.61 16.11
C GLY A 614 -17.01 -26.88 15.42
N SER A 615 -16.32 -28.00 15.71
CA SER A 615 -16.57 -29.35 15.12
C SER A 615 -18.01 -29.81 14.96
N SER A 616 -18.87 -29.45 15.91
CA SER A 616 -20.27 -29.85 15.88
C SER A 616 -21.22 -28.81 15.23
N ALA A 617 -20.70 -27.67 14.76
CA ALA A 617 -21.53 -26.66 14.11
C ALA A 617 -21.39 -26.63 12.55
N VAL A 618 -20.39 -27.34 11.98
CA VAL A 618 -20.08 -27.30 10.52
C VAL A 618 -20.46 -28.63 9.87
N PRO A 619 -21.62 -28.70 9.14
CA PRO A 619 -22.05 -29.97 8.50
C PRO A 619 -21.15 -30.41 7.34
N GLN A 620 -21.53 -31.50 6.67
CA GLN A 620 -21.00 -31.71 5.33
C GLN A 620 -21.76 -30.75 4.38
N PRO A 621 -21.05 -30.28 3.34
CA PRO A 621 -21.72 -29.52 2.32
C PRO A 621 -22.56 -30.43 1.44
N LYS A 622 -23.78 -30.00 1.16
CA LYS A 622 -24.66 -30.75 0.25
C LYS A 622 -24.12 -30.78 -1.19
N GLU A 623 -23.60 -29.62 -1.65
CA GLU A 623 -23.03 -29.43 -2.99
C GLU A 623 -21.72 -28.60 -2.99
N THR A 624 -20.70 -29.09 -3.72
CA THR A 624 -19.42 -28.39 -3.84
C THR A 624 -18.93 -28.25 -5.27
N VAL A 625 -18.30 -27.11 -5.53
CA VAL A 625 -17.80 -26.70 -6.85
C VAL A 625 -16.51 -25.94 -6.67
N VAL A 626 -15.52 -26.24 -7.50
CA VAL A 626 -14.25 -25.55 -7.42
C VAL A 626 -13.78 -25.07 -8.77
N SER A 627 -13.55 -23.77 -8.90
CA SER A 627 -13.00 -23.23 -10.13
C SER A 627 -11.52 -23.60 -10.31
N ARG A 628 -11.15 -23.70 -11.58
CA ARG A 628 -9.76 -23.70 -12.03
C ARG A 628 -9.71 -22.90 -13.31
N TRP A 629 -9.35 -21.62 -13.20
CA TRP A 629 -9.37 -20.74 -14.36
C TRP A 629 -8.11 -20.83 -15.16
N ARG A 630 -6.97 -21.05 -14.54
CA ARG A 630 -5.78 -21.21 -15.33
C ARG A 630 -5.80 -22.51 -16.15
N ALA A 631 -6.58 -23.48 -15.70
CA ALA A 631 -6.77 -24.72 -16.45
C ALA A 631 -7.68 -24.55 -17.65
N ASP A 632 -8.72 -23.75 -17.48
CA ASP A 632 -9.73 -23.61 -18.49
C ASP A 632 -9.06 -23.20 -19.77
N PRO A 633 -9.24 -23.96 -20.83
CA PRO A 633 -8.60 -23.58 -22.09
C PRO A 633 -9.14 -22.36 -22.77
N TRP A 634 -10.38 -21.97 -22.48
CA TRP A 634 -11.02 -20.80 -23.09
C TRP A 634 -10.84 -19.51 -22.34
N ALA A 635 -10.39 -19.58 -21.11
CA ALA A 635 -9.87 -18.42 -20.45
C ALA A 635 -8.34 -18.46 -20.29
N ARG A 636 -7.75 -19.57 -19.87
CA ARG A 636 -6.29 -19.65 -19.60
C ARG A 636 -5.82 -18.72 -18.47
N GLY A 637 -6.72 -18.45 -17.53
CA GLY A 637 -6.46 -17.54 -16.42
C GLY A 637 -7.72 -16.79 -16.04
N SER A 638 -7.61 -15.74 -15.22
CA SER A 638 -8.77 -15.14 -14.57
C SER A 638 -9.03 -13.75 -15.12
N TYR A 639 -8.08 -12.82 -14.94
CA TYR A 639 -8.12 -11.57 -15.66
C TYR A 639 -6.74 -10.91 -15.68
N SER A 640 -6.63 -9.73 -16.26
CA SER A 640 -5.33 -9.16 -16.46
C SER A 640 -4.85 -8.29 -15.31
N TYR A 641 -3.56 -8.05 -15.37
CA TYR A 641 -2.88 -7.20 -14.44
C TYR A 641 -1.78 -6.51 -15.16
N VAL A 642 -1.18 -5.57 -14.46
CA VAL A 642 -0.21 -4.73 -15.10
C VAL A 642 1.11 -5.30 -14.69
N ALA A 643 1.65 -6.18 -15.50
CA ALA A 643 2.88 -6.80 -15.07
C ALA A 643 3.98 -5.79 -14.91
N ALA A 644 4.98 -6.16 -14.15
CA ALA A 644 6.16 -5.35 -14.05
C ALA A 644 6.80 -5.33 -15.42
N GLY A 645 7.35 -4.19 -15.79
CA GLY A 645 7.96 -4.03 -17.10
C GLY A 645 6.91 -3.76 -18.14
N SER A 646 5.69 -3.50 -17.69
CA SER A 646 4.56 -3.22 -18.55
C SER A 646 3.95 -1.88 -18.15
N SER A 647 3.21 -1.28 -19.08
CA SER A 647 2.59 0.01 -18.83
C SER A 647 1.13 0.01 -19.24
N GLY A 648 0.36 0.91 -18.66
CA GLY A 648 -1.05 1.03 -19.00
C GLY A 648 -1.22 1.15 -20.50
N ASN A 649 -0.15 1.60 -21.14
CA ASN A 649 -0.09 1.90 -22.55
C ASN A 649 -0.27 0.65 -23.43
N ASP A 650 0.18 -0.49 -22.92
CA ASP A 650 -0.06 -1.76 -23.58
C ASP A 650 -1.50 -2.10 -23.74
N TYR A 651 -2.35 -1.71 -22.80
CA TYR A 651 -3.80 -1.92 -22.95
C TYR A 651 -4.34 -1.18 -24.19
N ASP A 652 -3.76 -0.02 -24.49
CA ASP A 652 -4.01 0.64 -25.77
C ASP A 652 -3.47 -0.16 -26.98
N LEU A 653 -2.19 -0.53 -26.96
CA LEU A 653 -1.67 -1.44 -27.98
C LEU A 653 -2.61 -2.59 -28.28
N MET A 654 -3.15 -3.25 -27.26
CA MET A 654 -4.10 -4.33 -27.52
C MET A 654 -5.32 -3.90 -28.30
N ALA A 655 -5.86 -2.70 -28.09
CA ALA A 655 -7.12 -2.32 -28.78
C ALA A 655 -6.94 -1.94 -30.28
N GLN A 656 -5.70 -1.49 -30.57
CA GLN A 656 -5.29 -0.98 -31.89
C GLN A 656 -5.62 -2.07 -32.90
N PRO A 657 -6.61 -1.84 -33.78
CA PRO A 657 -6.88 -2.86 -34.78
C PRO A 657 -5.75 -2.97 -35.81
N ILE A 658 -5.79 -4.07 -36.59
CA ILE A 658 -4.77 -4.40 -37.59
C ILE A 658 -5.24 -4.29 -39.07
N THR A 659 -4.36 -3.70 -39.87
CA THR A 659 -4.60 -3.42 -41.27
C THR A 659 -3.61 -4.28 -42.09
N PRO A 660 -4.15 -5.17 -42.95
CA PRO A 660 -3.30 -6.08 -43.74
C PRO A 660 -2.43 -5.42 -44.82
N GLY A 661 -1.33 -6.05 -45.22
CA GLY A 661 -0.62 -5.62 -46.45
C GLY A 661 -1.57 -5.67 -47.67
N PRO A 662 -1.29 -4.85 -48.71
CA PRO A 662 -2.22 -4.84 -49.87
C PRO A 662 -2.12 -6.14 -50.69
N SER A 663 -3.24 -6.54 -51.31
CA SER A 663 -3.36 -7.79 -52.13
C SER A 663 -2.37 -7.68 -53.30
N ILE A 664 -2.55 -6.63 -54.10
CA ILE A 664 -1.79 -6.42 -55.32
C ILE A 664 -0.66 -5.48 -54.85
N PRO A 665 0.63 -5.73 -55.21
CA PRO A 665 1.66 -4.83 -54.66
C PRO A 665 1.57 -3.44 -55.32
N GLY A 666 1.83 -2.38 -54.52
CA GLY A 666 1.59 -0.98 -54.91
C GLY A 666 0.13 -0.53 -55.10
N ALA A 667 -0.82 -1.24 -54.50
CA ALA A 667 -2.23 -0.84 -54.52
C ALA A 667 -2.51 0.02 -53.28
N PRO A 668 -3.66 0.75 -53.25
CA PRO A 668 -3.89 1.63 -52.12
C PRO A 668 -3.94 0.89 -50.78
N GLN A 669 -3.56 1.60 -49.71
CA GLN A 669 -3.67 1.17 -48.30
C GLN A 669 -5.06 0.68 -47.92
N PRO A 670 -5.17 -0.60 -47.56
CA PRO A 670 -6.52 -1.08 -47.36
C PRO A 670 -7.12 -0.67 -46.02
N ILE A 671 -8.39 -0.98 -45.94
CA ILE A 671 -9.18 -0.88 -44.74
C ILE A 671 -8.52 -1.76 -43.63
N PRO A 672 -8.82 -1.48 -42.35
CA PRO A 672 -8.29 -2.28 -41.26
C PRO A 672 -9.22 -3.45 -40.95
N ARG A 673 -8.79 -4.65 -41.33
CA ARG A 673 -9.56 -5.89 -41.18
C ARG A 673 -9.79 -6.52 -39.79
N LEU A 674 -8.78 -6.51 -38.92
CA LEU A 674 -8.89 -7.18 -37.62
C LEU A 674 -9.03 -6.21 -36.44
N PHE A 675 -10.03 -6.46 -35.60
CA PHE A 675 -10.29 -5.60 -34.45
C PHE A 675 -10.24 -6.37 -33.12
N PHE A 676 -9.76 -5.72 -32.05
CA PHE A 676 -9.73 -6.37 -30.75
C PHE A 676 -10.54 -5.62 -29.73
N ALA A 677 -11.22 -6.38 -28.89
CA ALA A 677 -11.93 -5.86 -27.71
C ALA A 677 -11.76 -6.82 -26.54
N GLY A 678 -12.28 -6.40 -25.39
CA GLY A 678 -12.19 -7.19 -24.19
C GLY A 678 -11.46 -6.52 -23.04
N GLU A 679 -11.63 -7.16 -21.89
CA GLU A 679 -11.11 -6.70 -20.63
C GLU A 679 -9.66 -6.21 -20.71
N HIS A 680 -8.83 -6.84 -21.53
CA HIS A 680 -7.39 -6.52 -21.60
C HIS A 680 -7.07 -5.42 -22.63
N THR A 681 -8.10 -4.79 -23.20
CA THR A 681 -7.92 -3.72 -24.19
C THR A 681 -8.22 -2.29 -23.70
N ILE A 682 -9.10 -2.22 -22.71
CA ILE A 682 -9.47 -0.96 -22.08
C ILE A 682 -8.55 -0.54 -20.90
N ARG A 683 -7.66 0.40 -21.20
CA ARG A 683 -6.67 0.87 -20.24
C ARG A 683 -7.25 1.42 -18.94
N ASN A 684 -8.38 2.10 -19.03
CA ASN A 684 -8.99 2.71 -17.85
C ASN A 684 -9.90 1.83 -17.03
N TYR A 685 -10.22 0.62 -17.48
CA TYR A 685 -11.12 -0.23 -16.66
C TYR A 685 -10.80 -1.68 -16.84
N PRO A 686 -9.50 -2.00 -16.81
CA PRO A 686 -9.24 -3.37 -17.10
C PRO A 686 -9.87 -4.30 -16.10
N ALA A 687 -9.68 -5.56 -16.41
CA ALA A 687 -10.07 -6.66 -15.60
C ALA A 687 -11.45 -6.56 -14.95
N THR A 688 -12.40 -6.02 -15.68
CA THR A 688 -13.72 -5.87 -15.13
C THR A 688 -14.74 -6.30 -16.16
N VAL A 689 -15.99 -6.41 -15.75
CA VAL A 689 -17.08 -6.69 -16.68
C VAL A 689 -17.43 -5.42 -17.43
N HIS A 690 -17.72 -4.39 -16.66
CA HIS A 690 -17.99 -3.08 -17.21
C HIS A 690 -16.87 -2.69 -18.18
N GLY A 691 -15.64 -3.02 -17.84
CA GLY A 691 -14.52 -2.74 -18.74
C GLY A 691 -14.69 -3.41 -20.08
N ALA A 692 -15.02 -4.68 -20.02
CA ALA A 692 -15.24 -5.44 -21.22
C ALA A 692 -16.37 -4.79 -21.98
N LEU A 693 -17.54 -4.76 -21.36
CA LEU A 693 -18.70 -4.10 -21.96
C LEU A 693 -18.33 -2.83 -22.68
N LEU A 694 -17.63 -1.94 -22.00
CA LEU A 694 -17.22 -0.70 -22.62
C LEU A 694 -16.36 -0.94 -23.83
N SER A 695 -15.47 -1.92 -23.78
CA SER A 695 -14.57 -2.17 -24.91
C SER A 695 -15.34 -2.68 -26.12
N GLY A 696 -16.36 -3.50 -25.86
CA GLY A 696 -17.23 -3.98 -26.91
C GLY A 696 -17.87 -2.81 -27.61
N LEU A 697 -18.58 -1.99 -26.84
CA LEU A 697 -19.26 -0.81 -27.38
C LEU A 697 -18.31 0.02 -28.23
N ARG A 698 -17.05 0.14 -27.77
CA ARG A 698 -16.02 0.91 -28.46
C ARG A 698 -15.65 0.35 -29.84
N GLU A 699 -15.45 -0.95 -29.94
CA GLU A 699 -15.16 -1.52 -31.25
C GLU A 699 -16.37 -1.50 -32.14
N ALA A 700 -17.53 -1.93 -31.67
CA ALA A 700 -18.76 -1.70 -32.47
C ALA A 700 -18.73 -0.33 -33.10
N GLY A 701 -18.54 0.70 -32.30
CA GLY A 701 -18.47 2.04 -32.83
C GLY A 701 -17.40 2.23 -33.90
N ARG A 702 -16.19 1.75 -33.65
CA ARG A 702 -15.09 1.96 -34.57
C ARG A 702 -15.33 1.25 -35.89
N ILE A 703 -15.81 0.01 -35.78
CA ILE A 703 -16.16 -0.86 -36.91
C ILE A 703 -17.22 -0.21 -37.79
N ALA A 704 -18.38 0.14 -37.23
CA ALA A 704 -19.39 0.85 -38.03
C ALA A 704 -18.89 2.17 -38.66
N ASP A 705 -18.08 2.97 -37.96
CA ASP A 705 -17.44 4.16 -38.58
C ASP A 705 -16.67 3.78 -39.86
N GLN A 706 -15.92 2.70 -39.77
CA GLN A 706 -15.18 2.14 -40.88
C GLN A 706 -16.09 1.67 -42.02
N PHE A 707 -17.14 0.92 -41.68
CA PHE A 707 -17.88 0.12 -42.65
C PHE A 707 -19.23 0.69 -43.04
N LEU A 708 -19.78 1.61 -42.27
CA LEU A 708 -20.98 2.33 -42.67
C LEU A 708 -20.77 3.83 -42.72
N GLY A 709 -19.51 4.27 -42.54
CA GLY A 709 -19.13 5.69 -42.52
C GLY A 709 -19.71 6.50 -41.37
N ALA A 710 -19.17 7.69 -41.14
CA ALA A 710 -19.67 8.59 -40.08
C ALA A 710 -20.35 9.90 -40.59
N MET A 711 -21.67 9.98 -40.38
CA MET A 711 -22.47 11.13 -40.82
C MET A 711 -22.16 12.31 -39.90
N TYR A 712 -22.06 12.03 -38.61
CA TYR A 712 -21.69 13.01 -37.57
C TYR A 712 -20.40 13.87 -37.77
N THR A 713 -19.34 13.33 -38.41
CA THR A 713 -18.03 14.03 -38.52
C THR A 713 -18.11 15.35 -39.32
N LEU A 714 -19.04 15.46 -40.26
CA LEU A 714 -19.26 16.69 -41.09
C LEU A 714 -19.67 17.92 -40.23
N ARG B 4 6.17 14.31 -1.38
CA ARG B 4 7.47 14.82 -0.80
C ARG B 4 7.91 14.21 0.54
N LYS B 5 6.96 13.70 1.32
CA LYS B 5 7.26 13.13 2.63
C LYS B 5 6.72 11.69 2.80
N PRO B 6 7.58 10.75 3.25
CA PRO B 6 7.10 9.41 3.60
C PRO B 6 5.93 9.53 4.52
N PRO B 7 5.05 8.55 4.56
CA PRO B 7 4.03 8.62 5.60
C PRO B 7 4.69 8.73 6.96
N LYS B 8 3.98 9.27 7.95
CA LYS B 8 4.56 9.47 9.29
C LYS B 8 4.97 8.12 9.85
N GLY B 9 6.12 8.02 10.53
CA GLY B 9 6.61 6.74 11.08
C GLY B 9 7.09 5.64 10.12
N MET B 10 7.26 5.95 8.84
CA MET B 10 7.96 5.11 7.88
C MET B 10 9.21 5.89 7.63
N PHE B 11 10.33 5.20 7.47
CA PHE B 11 11.60 5.89 7.26
C PHE B 11 12.33 5.34 6.05
N LEU B 12 12.48 6.18 5.03
CA LEU B 12 12.87 5.73 3.70
C LEU B 12 13.87 6.67 3.10
N SER B 13 15.13 6.48 3.48
CA SER B 13 16.16 7.38 3.00
C SER B 13 16.68 6.91 1.65
N GLN B 14 16.95 7.88 0.78
CA GLN B 14 17.63 7.65 -0.50
C GLN B 14 18.85 6.73 -0.33
N GLU B 15 19.76 7.17 0.55
CA GLU B 15 20.99 6.48 0.91
C GLU B 15 20.75 5.06 1.44
N ASP B 16 19.80 4.95 2.35
CA ASP B 16 19.37 3.66 2.92
C ASP B 16 18.85 2.69 1.88
N VAL B 17 18.04 3.20 0.95
CA VAL B 17 17.45 2.38 -0.11
C VAL B 17 18.56 1.72 -0.94
N GLU B 18 19.50 2.54 -1.40
CA GLU B 18 20.69 2.07 -2.13
C GLU B 18 21.53 1.05 -1.34
N ALA B 19 21.59 1.25 -0.02
CA ALA B 19 22.33 0.36 0.89
C ALA B 19 21.72 -1.03 1.04
N VAL B 20 20.40 -1.07 1.25
CA VAL B 20 19.66 -2.33 1.34
C VAL B 20 19.38 -3.02 -0.01
N SER B 21 19.47 -2.29 -1.12
CA SER B 21 19.26 -2.87 -2.45
C SER B 21 20.54 -3.31 -3.22
N ALA B 22 21.70 -2.70 -2.96
CA ALA B 22 22.91 -2.93 -3.79
C ALA B 22 23.36 -4.40 -4.09
N ASN B 23 22.99 -5.38 -3.27
CA ASN B 23 23.32 -6.82 -3.49
C ASN B 23 22.14 -7.72 -3.30
N ALA B 24 22.39 -9.02 -3.48
CA ALA B 24 21.38 -10.05 -3.24
C ALA B 24 20.98 -10.08 -1.78
N THR B 25 21.97 -9.93 -0.92
CA THR B 25 21.79 -9.93 0.52
C THR B 25 22.74 -8.90 1.14
N ALA B 26 22.80 -7.71 0.55
CA ALA B 26 23.36 -6.54 1.26
C ALA B 26 22.37 -6.14 2.34
N ALA B 27 21.11 -6.53 2.18
CA ALA B 27 20.04 -6.28 3.14
C ALA B 27 20.12 -7.07 4.43
N THR B 28 20.26 -8.39 4.31
CA THR B 28 20.46 -9.23 5.49
C THR B 28 21.85 -8.96 6.17
N THR B 29 22.88 -8.62 5.37
CA THR B 29 24.22 -8.11 5.85
C THR B 29 24.07 -6.95 6.80
N VAL B 30 23.51 -5.84 6.31
CA VAL B 30 23.27 -4.63 7.10
C VAL B 30 22.53 -4.96 8.41
N LEU B 31 21.39 -5.62 8.30
CA LEU B 31 20.60 -6.04 9.49
C LEU B 31 21.26 -7.08 10.41
N ARG B 32 22.32 -7.75 9.95
CA ARG B 32 23.13 -8.58 10.85
C ARG B 32 24.11 -7.71 11.64
N GLN B 33 24.87 -6.87 10.94
CA GLN B 33 25.88 -6.00 11.57
C GLN B 33 25.32 -4.99 12.55
N LEU B 34 24.02 -4.72 12.43
CA LEU B 34 23.27 -4.03 13.46
C LEU B 34 22.92 -4.93 14.68
N ASP B 35 22.75 -6.23 14.48
CA ASP B 35 22.64 -7.17 15.61
C ASP B 35 23.96 -7.39 16.35
N MET B 36 25.08 -7.37 15.62
CA MET B 36 26.44 -7.32 16.22
C MET B 36 26.65 -6.09 17.09
N GLU B 37 26.52 -4.92 16.49
CA GLU B 37 26.61 -3.65 17.21
C GLU B 37 25.72 -3.67 18.45
N LEU B 38 24.49 -4.18 18.30
CA LEU B 38 23.51 -4.16 19.39
C LEU B 38 23.95 -5.03 20.55
N VAL B 39 24.25 -6.30 20.27
CA VAL B 39 24.70 -7.23 21.32
C VAL B 39 26.04 -6.80 21.94
N SER B 40 26.97 -6.26 21.14
CA SER B 40 28.27 -5.75 21.68
C SER B 40 28.17 -4.51 22.58
N VAL B 41 27.20 -3.64 22.30
CA VAL B 41 26.87 -2.51 23.19
C VAL B 41 26.18 -3.01 24.47
N LYS B 42 25.28 -3.97 24.35
CA LYS B 42 24.66 -4.55 25.55
C LYS B 42 25.67 -5.22 26.50
N ARG B 43 26.70 -5.86 25.93
CA ARG B 43 27.87 -6.39 26.66
C ARG B 43 28.68 -5.31 27.35
N GLN B 44 28.98 -4.25 26.63
CA GLN B 44 29.70 -3.12 27.19
C GLN B 44 28.95 -2.47 28.35
N ILE B 45 27.61 -2.46 28.28
CA ILE B 45 26.76 -2.03 29.39
C ILE B 45 26.95 -2.91 30.60
N GLN B 46 26.96 -4.24 30.42
CA GLN B 46 27.22 -5.17 31.53
C GLN B 46 28.53 -4.90 32.29
N ASN B 47 29.62 -4.72 31.54
CA ASN B 47 30.93 -4.39 32.14
C ASN B 47 30.93 -3.14 32.97
N ILE B 48 30.28 -2.10 32.46
CA ILE B 48 30.25 -0.82 33.16
C ILE B 48 29.22 -0.81 34.31
N LYS B 49 28.13 -1.56 34.21
CA LYS B 49 27.21 -1.78 35.36
C LYS B 49 27.92 -2.50 36.51
N GLN B 50 28.65 -3.55 36.19
CA GLN B 50 29.44 -4.30 37.17
C GLN B 50 30.52 -3.44 37.80
N THR B 51 31.34 -2.78 36.97
CA THR B 51 32.40 -1.85 37.40
C THR B 51 31.90 -0.77 38.35
N ASN B 52 30.83 -0.11 37.94
CA ASN B 52 30.18 0.91 38.77
C ASN B 52 29.59 0.36 40.07
N SER B 53 29.01 -0.83 40.03
CA SER B 53 28.52 -1.47 41.26
C SER B 53 29.61 -1.75 42.31
N ALA B 54 30.80 -2.18 41.86
CA ALA B 54 31.99 -2.33 42.73
C ALA B 54 32.42 -1.00 43.35
N LEU B 55 32.62 0.05 42.51
CA LEU B 55 32.97 1.42 42.99
C LEU B 55 31.93 1.98 43.98
N LYS B 56 30.65 1.73 43.74
CA LYS B 56 29.60 2.12 44.70
C LYS B 56 29.71 1.38 46.03
N GLU B 57 30.14 0.12 46.02
CA GLU B 57 30.37 -0.57 47.29
C GLU B 57 31.66 -0.14 48.00
N LYS B 58 32.66 0.41 47.27
CA LYS B 58 33.82 1.07 47.91
C LYS B 58 33.46 2.35 48.66
N LEU B 59 32.51 3.12 48.13
CA LEU B 59 32.01 4.30 48.85
C LEU B 59 30.99 3.99 49.96
N ASP B 60 30.80 2.71 50.31
CA ASP B 60 29.79 2.33 51.30
C ASP B 60 30.09 2.91 52.67
N GLY B 61 29.08 3.54 53.26
CA GLY B 61 29.22 4.32 54.48
C GLY B 61 29.31 5.84 54.27
N GLY B 62 29.33 6.30 53.01
CA GLY B 62 29.45 7.72 52.70
C GLY B 62 30.75 8.33 53.20
N ILE B 63 30.66 9.57 53.68
CA ILE B 63 31.76 10.18 54.43
C ILE B 63 31.34 10.65 55.81
N GLU B 64 30.35 9.99 56.41
CA GLU B 64 29.83 10.43 57.69
C GLU B 64 30.88 10.37 58.81
N PRO B 65 31.70 9.30 58.83
CA PRO B 65 32.80 9.24 59.78
C PRO B 65 33.81 10.38 59.73
N TYR B 66 33.95 11.08 58.61
CA TYR B 66 35.02 12.07 58.46
C TYR B 66 34.57 13.51 58.51
N ARG B 67 33.27 13.76 58.71
CA ARG B 67 32.75 15.11 58.66
C ARG B 67 32.89 15.81 59.99
N LEU B 68 33.15 17.11 59.94
CA LEU B 68 33.37 17.86 61.18
C LEU B 68 32.20 18.80 61.42
N PRO B 69 31.63 18.79 62.67
CA PRO B 69 30.60 19.78 63.00
C PRO B 69 31.09 21.22 62.79
N GLU B 70 30.16 22.17 62.76
CA GLU B 70 30.48 23.52 62.28
C GLU B 70 30.66 24.60 63.34
N VAL B 71 31.75 25.35 63.18
CA VAL B 71 32.12 26.46 64.06
C VAL B 71 31.32 27.69 63.57
N ILE B 72 30.60 28.37 64.48
CA ILE B 72 29.61 29.43 64.11
C ILE B 72 30.08 30.87 64.41
N GLN B 73 31.39 31.09 64.58
CA GLN B 73 31.97 32.34 65.12
C GLN B 73 31.67 33.61 64.32
N LYS B 74 31.52 34.74 65.03
CA LYS B 74 31.07 36.01 64.44
C LYS B 74 32.21 36.91 64.04
N CYS B 75 32.15 37.40 62.80
CA CYS B 75 33.24 38.15 62.17
C CYS B 75 33.48 39.44 62.98
N ASN B 76 34.65 39.52 63.63
CA ASN B 76 35.03 40.55 64.59
C ASN B 76 36.11 41.39 63.94
N ALA B 77 36.00 42.71 64.03
CA ALA B 77 36.95 43.60 63.37
C ALA B 77 38.37 43.64 63.99
N ARG B 78 38.52 43.29 65.27
CA ARG B 78 39.83 43.38 65.92
C ARG B 78 40.71 42.21 65.52
N TRP B 79 41.92 42.53 65.06
CA TRP B 79 42.99 41.53 64.95
C TRP B 79 43.59 41.28 66.33
N THR B 80 43.67 40.03 66.74
CA THR B 80 44.56 39.64 67.84
C THR B 80 45.90 39.27 67.24
N THR B 81 46.92 39.16 68.07
CA THR B 81 48.22 38.75 67.58
C THR B 81 48.13 37.28 67.20
N GLU B 82 47.34 36.49 67.93
CA GLU B 82 47.08 35.14 67.51
C GLU B 82 46.64 35.22 66.04
N GLU B 83 45.55 35.95 65.81
CA GLU B 83 44.92 35.96 64.52
C GLU B 83 45.87 36.48 63.47
N GLN B 84 46.71 37.44 63.82
CA GLN B 84 47.71 37.91 62.84
C GLN B 84 48.65 36.83 62.35
N LEU B 85 49.01 35.95 63.28
CA LEU B 85 50.02 34.95 62.99
C LEU B 85 49.43 33.85 62.16
N LEU B 86 48.24 33.40 62.57
CA LEU B 86 47.40 32.54 61.74
C LEU B 86 47.36 33.04 60.30
N ALA B 87 46.99 34.31 60.13
CA ALA B 87 46.95 34.96 58.82
C ALA B 87 48.23 34.77 58.04
N VAL B 88 49.34 35.25 58.58
CA VAL B 88 50.61 35.12 57.88
C VAL B 88 50.95 33.71 57.42
N GLN B 89 50.66 32.72 58.25
CA GLN B 89 50.93 31.34 57.88
C GLN B 89 49.93 30.93 56.82
N ALA B 90 48.66 31.27 57.03
CA ALA B 90 47.59 31.00 56.04
C ALA B 90 47.95 31.54 54.66
N ILE B 91 48.58 32.71 54.62
CA ILE B 91 49.10 33.27 53.37
C ILE B 91 50.15 32.35 52.79
N ARG B 92 51.18 32.07 53.58
CA ARG B 92 52.26 31.18 53.18
C ARG B 92 51.77 29.89 52.50
N LYS B 93 50.71 29.32 53.05
CA LYS B 93 50.16 28.07 52.59
C LYS B 93 49.13 28.26 51.52
N TYR B 94 48.33 29.31 51.60
CA TYR B 94 47.23 29.50 50.65
C TYR B 94 47.39 30.59 49.60
N GLY B 95 48.53 31.25 49.57
CA GLY B 95 48.73 32.30 48.59
C GLY B 95 47.68 33.40 48.73
N ARG B 96 46.98 33.69 47.63
CA ARG B 96 45.98 34.75 47.60
C ARG B 96 44.52 34.30 47.74
N ASP B 97 44.28 33.05 48.17
CA ASP B 97 42.90 32.58 48.28
C ASP B 97 42.29 33.08 49.59
N PHE B 98 41.47 34.12 49.45
CA PHE B 98 40.83 34.78 50.59
C PHE B 98 39.77 33.94 51.31
N GLN B 99 38.98 33.17 50.57
CA GLN B 99 37.93 32.38 51.19
C GLN B 99 38.55 31.40 52.17
N ALA B 100 39.65 30.78 51.77
CA ALA B 100 40.36 29.85 52.65
C ALA B 100 40.94 30.56 53.86
N ILE B 101 41.65 31.65 53.62
CA ILE B 101 42.26 32.38 54.73
C ILE B 101 41.21 32.87 55.72
N SER B 102 40.10 33.40 55.21
CA SER B 102 38.97 33.71 56.06
C SER B 102 38.45 32.50 56.83
N ASP B 103 38.31 31.37 56.15
CA ASP B 103 37.82 30.14 56.80
C ASP B 103 38.75 29.63 57.93
N VAL B 104 40.07 29.78 57.76
CA VAL B 104 41.11 29.35 58.76
C VAL B 104 41.03 30.17 60.04
N ILE B 105 41.03 31.48 59.85
CA ILE B 105 40.99 32.41 60.95
C ILE B 105 39.62 32.34 61.65
N GLY B 106 38.52 32.15 60.90
CA GLY B 106 37.21 31.79 61.47
C GLY B 106 36.36 32.89 62.10
N ASN B 107 36.88 34.12 62.07
CA ASN B 107 36.18 35.32 62.54
C ASN B 107 36.69 36.58 61.82
N LYS B 108 37.01 36.46 60.53
CA LYS B 108 37.38 37.61 59.71
C LYS B 108 36.82 37.40 58.32
N SER B 109 35.92 38.31 57.90
CA SER B 109 35.35 38.28 56.55
C SER B 109 36.42 38.49 55.50
N VAL B 110 36.05 38.10 54.30
CA VAL B 110 36.95 38.05 53.14
C VAL B 110 37.52 39.45 52.84
N VAL B 111 36.70 40.47 53.09
CA VAL B 111 37.08 41.85 52.89
C VAL B 111 38.18 42.17 53.91
N GLN B 112 37.88 41.90 55.19
CA GLN B 112 38.81 42.20 56.27
C GLN B 112 40.18 41.60 55.97
N VAL B 113 40.18 40.43 55.37
CA VAL B 113 41.41 39.78 54.94
C VAL B 113 42.17 40.57 53.87
N LYS B 114 41.46 41.06 52.85
CA LYS B 114 42.12 41.85 51.80
C LYS B 114 42.72 43.11 52.40
N ASN B 115 41.92 43.73 53.27
CA ASN B 115 42.33 44.91 54.03
C ASN B 115 43.68 44.63 54.68
N PHE B 116 43.68 43.62 55.55
CA PHE B 116 44.89 43.11 56.22
C PHE B 116 46.05 43.12 55.25
N PHE B 117 45.84 42.42 54.12
CA PHE B 117 46.87 42.23 53.10
C PHE B 117 47.61 43.52 52.76
N VAL B 118 46.89 44.62 52.73
CA VAL B 118 47.50 45.89 52.43
C VAL B 118 48.00 46.57 53.70
N ASN B 119 47.24 46.50 54.77
CA ASN B 119 47.59 47.19 56.03
C ASN B 119 49.00 46.84 56.54
N TYR B 120 49.22 45.54 56.72
CA TYR B 120 50.45 45.04 57.31
C TYR B 120 51.48 44.66 56.26
N ARG B 121 51.18 44.84 54.97
CA ARG B 121 52.06 44.35 53.87
C ARG B 121 53.53 44.65 54.10
N ARG B 122 53.75 45.85 54.60
CA ARG B 122 55.07 46.33 54.98
C ARG B 122 55.74 45.51 56.12
N ARG B 123 55.00 45.35 57.22
CA ARG B 123 55.51 44.80 58.50
C ARG B 123 55.60 43.27 58.49
N PHE B 124 54.81 42.66 57.61
CA PHE B 124 54.75 41.22 57.45
C PHE B 124 55.25 40.74 56.10
N ASN B 125 55.91 41.61 55.33
CA ASN B 125 56.51 41.27 54.02
C ASN B 125 55.68 40.36 53.18
N ILE B 126 54.39 40.65 53.14
CA ILE B 126 53.40 39.77 52.53
C ILE B 126 53.82 39.50 51.08
N ASP B 127 54.56 40.46 50.50
CA ASP B 127 55.37 40.24 49.30
C ASP B 127 56.21 38.96 49.35
N GLU B 128 57.23 38.96 50.22
CA GLU B 128 58.15 37.81 50.42
C GLU B 128 57.39 36.51 50.66
N VAL B 129 56.36 36.58 51.49
CA VAL B 129 55.53 35.43 51.81
C VAL B 129 54.89 34.91 50.53
N LEU B 130 54.28 35.82 49.76
CA LEU B 130 53.57 35.41 48.56
C LEU B 130 54.46 34.84 47.44
N GLN B 131 55.68 35.37 47.26
CA GLN B 131 56.62 34.81 46.25
C GLN B 131 57.24 33.45 46.63
N GLU B 132 57.25 33.17 47.92
CA GLU B 132 57.53 31.84 48.42
C GLU B 132 56.36 30.89 48.16
N TRP B 133 55.10 31.34 48.36
CA TRP B 133 53.91 30.53 48.03
C TRP B 133 53.91 30.09 46.57
N GLU B 134 54.36 31.01 45.72
CA GLU B 134 54.52 30.81 44.28
C GLU B 134 55.61 29.75 43.95
N ALA B 135 56.76 29.82 44.64
CA ALA B 135 57.79 28.74 44.57
C ALA B 135 57.24 27.29 44.69
N GLU B 136 56.15 27.09 45.43
CA GLU B 136 55.45 25.79 45.52
C GLU B 136 54.42 25.57 44.40
PA FAD C . -14.54 -13.45 -21.75
O1A FAD C . -13.64 -14.62 -21.31
O2A FAD C . -15.85 -13.03 -21.03
O5B FAD C . -14.92 -13.78 -23.28
C5B FAD C . -14.12 -14.53 -24.19
C4B FAD C . -14.93 -15.58 -24.92
O4B FAD C . -14.09 -16.18 -25.90
C3B FAD C . -15.36 -16.69 -23.99
O3B FAD C . -16.76 -16.90 -24.20
C2B FAD C . -14.38 -17.81 -24.34
O2B FAD C . -14.84 -19.13 -24.15
C1B FAD C . -14.26 -17.58 -25.82
N9A FAD C . -13.13 -18.24 -26.51
C8A FAD C . -11.86 -18.41 -26.10
N7A FAD C . -11.08 -19.04 -27.02
C5A FAD C . -11.92 -19.25 -28.04
C6A FAD C . -11.77 -19.85 -29.35
N6A FAD C . -10.56 -20.34 -29.69
N1A FAD C . -12.86 -19.87 -30.15
C2A FAD C . -14.07 -19.39 -29.82
N3A FAD C . -14.28 -18.82 -28.62
C4A FAD C . -13.26 -18.73 -27.73
N1 FAD C . -15.10 -8.20 -13.05
C2 FAD C . -15.85 -7.36 -12.24
O2 FAD C . -16.20 -6.19 -12.58
N3 FAD C . -16.26 -7.79 -11.03
C4 FAD C . -15.97 -9.02 -10.56
O4 FAD C . -16.33 -9.47 -9.46
C4X FAD C . -15.17 -9.94 -11.35
N5 FAD C . -14.91 -11.12 -10.83
C5X FAD C . -14.22 -12.01 -11.51
C6 FAD C . -14.02 -13.23 -10.91
C7 FAD C . -13.30 -14.22 -11.56
C7M FAD C . -13.05 -15.55 -10.94
C8 FAD C . -12.76 -13.93 -12.91
C8M FAD C . -11.98 -15.01 -13.61
C9 FAD C . -12.99 -12.70 -13.52
C9A FAD C . -13.71 -11.69 -12.86
N10 FAD C . -13.97 -10.41 -13.42
C10 FAD C . -14.74 -9.48 -12.66
C1' FAD C . -13.51 -10.00 -14.76
C2' FAD C . -14.60 -10.14 -15.84
O2' FAD C . -15.43 -11.28 -15.66
C3' FAD C . -14.01 -10.37 -17.21
O3' FAD C . -12.88 -9.48 -17.42
C4' FAD C . -15.09 -10.21 -18.29
O4' FAD C . -16.15 -11.20 -18.30
C5' FAD C . -14.36 -10.21 -19.62
O5' FAD C . -15.14 -10.48 -20.74
P FAD C . -14.35 -10.65 -22.13
O1P FAD C . -15.57 -10.61 -23.00
O2P FAD C . -13.12 -9.78 -22.38
O3P FAD C . -13.68 -12.12 -22.02
C2 767 D . -8.84 -5.07 -10.37
N1 767 D . -7.84 -4.01 -10.70
C1 767 D . -6.52 -4.51 -11.17
C3 767 D . -7.70 -3.01 -9.61
C4 767 D . -7.02 -3.55 -8.37
C5 767 D . -7.65 -3.02 -7.09
N2 767 D . -6.95 -1.79 -6.75
C6 767 D . -6.65 -1.50 -5.45
N3 767 D . -7.00 -2.35 -4.43
C7 767 D . -6.72 -2.11 -3.12
N4 767 D . -7.05 -2.93 -2.09
C8 767 D . -7.75 -4.20 -2.21
N6 767 D . -5.99 -0.35 -5.19
C20 767 D . -5.69 -0.05 -3.89
C21 767 D . -6.05 -0.92 -2.86
C27 767 D . -5.02 1.14 -3.60
C25 767 D . -4.70 1.47 -2.27
O2 767 D . -4.02 2.64 -1.95
C26 767 D . -2.80 3.00 -2.62
C23 767 D . -5.05 0.58 -1.25
C22 767 D . -5.73 -0.60 -1.54
O1 767 D . -4.78 0.88 0.07
C24 767 D . -5.75 0.57 1.07
C2 767 E . -2.30 7.73 -1.25
N1 767 E . -2.32 6.58 -2.19
C1 767 E . -0.95 6.09 -2.52
C3 767 E . -3.11 6.86 -3.44
C4 767 E . -4.62 7.19 -3.31
C5 767 E . -5.52 6.20 -2.54
N2 767 E . -6.23 5.26 -3.43
C6 767 E . -6.95 4.20 -2.91
N3 767 E . -6.99 4.03 -1.56
C7 767 E . -7.65 3.04 -0.94
N4 767 E . -7.64 2.96 0.43
C8 767 E . -6.94 3.92 1.28
N6 767 E . -7.60 3.31 -3.72
C20 767 E . -8.30 2.26 -3.16
C21 767 E . -8.34 2.10 -1.76
C27 767 E . -8.98 1.35 -3.99
C25 767 E . -9.70 0.26 -3.43
O2 767 E . -10.39 -0.66 -4.21
C26 767 E . -10.54 -0.74 -5.64
C23 767 E . -9.74 0.11 -2.04
C22 767 E . -9.06 1.03 -1.21
O1 767 E . -10.46 -0.95 -1.52
C24 767 E . -10.45 -1.48 -0.18
C2 767 F . -18.28 0.45 -0.05
N1 767 F . -17.30 1.52 -0.35
C1 767 F . -17.41 2.06 -1.72
C3 767 F . -15.92 1.06 -0.07
C4 767 F . -15.43 -0.10 -0.95
C5 767 F . -13.91 -0.28 -0.88
N2 767 F . -13.29 0.68 -1.81
C6 767 F . -12.70 1.84 -1.39
N3 767 F . -12.68 2.10 -0.07
C7 767 F . -12.13 3.20 0.46
N4 767 F . -12.20 3.32 1.81
C8 767 F . -12.83 2.33 2.68
N6 767 F . -12.13 2.74 -2.23
C20 767 F . -11.55 3.88 -1.76
C21 767 F . -11.53 4.14 -0.39
C27 767 F . -10.97 4.77 -2.65
C25 767 F . -10.36 5.95 -2.21
O2 767 F . -9.77 6.84 -3.11
C26 767 F . -9.04 6.52 -4.30
C23 767 F . -10.36 6.22 -0.83
C22 767 F . -10.94 5.31 0.07
O1 767 F . -9.77 7.36 -0.35
C24 767 F . -10.37 8.26 0.60
#